data_7PCM
#
_entry.id   7PCM
#
_cell.length_a   75.810
_cell.length_b   83.610
_cell.length_c   100.730
_cell.angle_alpha   90.000
_cell.angle_beta   90.000
_cell.angle_gamma   90.000
#
_symmetry.space_group_name_H-M   'P 21 21 21'
#
loop_
_entity.id
_entity.type
_entity.pdbx_description
1 polymer 'Ketol-acid reductoisomerase'
2 non-polymer '1,4-DIHYDRONICOTINAMIDE ADENINE DINUCLEOTIDE'
3 non-polymer 'MAGNESIUM ION'
4 non-polymer '(Z)-6-methyl-2,3-bis(oxidanyl)hept-2-enoic acid'
5 non-polymer 'SODIUM ION'
6 water water
#
_entity_poly.entity_id   1
_entity_poly.type   'polypeptide(L)'
_entity_poly.pdbx_seq_one_letter_code
;GSHMASNDLIYQDEHASLQPLEGRTVAVIGYGIQGRAFAANLRDSGVAVRVGNIDDRYFELARAEGHRVTNIAEAVAHAD
IVLLLIPDEAHGAVFDVDIAPNLRDGALLCVAHGHSLVQGDVRPLPGRDLAMLAPRMYGDPIRRYYLAGQGAPAYFDIVA
DHTGRARDRVLAIARAVGFTRAGVMALGYRQETFLDLFQEQFLAPALVDLVETGFQVLVERGFNPKAALLEVYGSGEMGK
MMLDGADIGLDEVVALQGSPTCQVGYHRWRGRTLPTAVRELAARVLDQIEGGDFSAYLKEQASNDYASLDDARRAALKRP
LNVAHAQVRAAFRFPTEAAGGLYQAAQAPADVEPEAAR
;
_entity_poly.pdbx_strand_id   A,B
#
loop_
_chem_comp.id
_chem_comp.type
_chem_comp.name
_chem_comp.formula
7I3 non-polymer '(Z)-6-methyl-2,3-bis(oxidanyl)hept-2-enoic acid' 'C8 H14 O4'
MG non-polymer 'MAGNESIUM ION' 'Mg 2'
NA non-polymer 'SODIUM ION' 'Na 1'
NAI non-polymer '1,4-DIHYDRONICOTINAMIDE ADENINE DINUCLEOTIDE' 'C21 H29 N7 O14 P2'
#
# COMPACT_ATOMS: atom_id res chain seq x y z
N ASN A 7 9.49 -17.74 23.45
CA ASN A 7 9.73 -18.06 22.01
C ASN A 7 8.38 -18.21 21.30
N ASP A 8 8.22 -17.59 20.13
CA ASP A 8 6.91 -17.42 19.47
C ASP A 8 6.42 -18.74 18.87
N LEU A 9 5.14 -19.03 19.06
CA LEU A 9 4.43 -20.24 18.57
C LEU A 9 3.59 -19.83 17.36
N ILE A 10 4.02 -20.22 16.15
CA ILE A 10 3.38 -19.84 14.85
C ILE A 10 2.96 -21.11 14.12
N TYR A 11 1.66 -21.23 13.82
CA TYR A 11 1.05 -22.36 13.06
C TYR A 11 0.91 -21.98 11.59
N GLN A 12 1.35 -22.87 10.70
CA GLN A 12 1.11 -22.81 9.23
C GLN A 12 0.30 -24.05 8.85
N ASP A 13 0.09 -24.30 7.54
CA ASP A 13 -0.81 -25.37 7.04
C ASP A 13 -0.36 -26.74 7.57
N GLU A 14 0.93 -26.95 7.77
CA GLU A 14 1.53 -28.24 8.22
C GLU A 14 1.24 -28.48 9.71
N HIS A 15 0.60 -27.52 10.39
CA HIS A 15 0.39 -27.51 11.87
C HIS A 15 -1.11 -27.50 12.23
N ALA A 16 -2.00 -27.75 11.26
CA ALA A 16 -3.47 -27.66 11.40
C ALA A 16 -4.15 -28.51 10.34
N SER A 17 -5.39 -28.92 10.58
CA SER A 17 -6.23 -29.70 9.61
C SER A 17 -7.70 -29.35 9.80
N LEU A 18 -8.55 -29.84 8.89
CA LEU A 18 -10.03 -29.62 8.93
C LEU A 18 -10.72 -30.81 9.59
N GLN A 19 -9.96 -31.80 10.09
CA GLN A 19 -10.50 -32.99 10.78
C GLN A 19 -11.38 -32.55 11.95
N PRO A 20 -10.92 -31.63 12.83
CA PRO A 20 -11.77 -31.14 13.91
C PRO A 20 -13.17 -30.63 13.53
N LEU A 21 -13.41 -30.26 12.27
CA LEU A 21 -14.69 -29.67 11.79
C LEU A 21 -15.59 -30.73 11.15
N GLU A 22 -15.15 -31.99 11.07
CA GLU A 22 -15.94 -33.09 10.46
C GLU A 22 -17.25 -33.28 11.26
N GLY A 23 -18.39 -33.17 10.58
CA GLY A 23 -19.74 -33.33 11.16
C GLY A 23 -20.14 -32.19 12.07
N ARG A 24 -19.43 -31.05 12.04
CA ARG A 24 -19.70 -29.90 12.94
C ARG A 24 -20.20 -28.70 12.13
N THR A 25 -21.08 -27.89 12.72
CA THR A 25 -21.66 -26.68 12.09
C THR A 25 -21.05 -25.44 12.76
N VAL A 26 -20.60 -24.48 11.94
CA VAL A 26 -20.11 -23.14 12.38
C VAL A 26 -21.25 -22.13 12.17
N ALA A 27 -21.66 -21.44 13.24
CA ALA A 27 -22.54 -20.25 13.17
C ALA A 27 -21.67 -19.01 13.10
N VAL A 28 -21.65 -18.33 11.95
CA VAL A 28 -21.07 -16.96 11.81
C VAL A 28 -22.13 -15.97 12.29
N ILE A 29 -21.87 -15.28 13.40
CA ILE A 29 -22.76 -14.23 13.98
C ILE A 29 -22.28 -12.88 13.47
N GLY A 30 -23.13 -12.21 12.68
CA GLY A 30 -22.77 -10.98 11.94
C GLY A 30 -22.23 -11.34 10.57
N TYR A 31 -22.61 -10.58 9.54
CA TYR A 31 -22.26 -10.80 8.13
C TYR A 31 -21.67 -9.50 7.58
N GLY A 32 -20.87 -8.82 8.42
CA GLY A 32 -20.19 -7.56 8.08
C GLY A 32 -18.87 -7.81 7.36
N ILE A 33 -17.89 -6.96 7.62
CA ILE A 33 -16.56 -7.00 6.92
C ILE A 33 -15.88 -8.35 7.18
N GLN A 34 -15.88 -8.84 8.42
CA GLN A 34 -15.24 -10.13 8.81
C GLN A 34 -16.21 -11.29 8.58
N GLY A 35 -17.46 -11.18 9.06
CA GLY A 35 -18.48 -12.25 9.01
C GLY A 35 -18.65 -12.80 7.62
N ARG A 36 -18.75 -11.91 6.62
CA ARG A 36 -18.99 -12.25 5.19
C ARG A 36 -17.80 -13.05 4.64
N ALA A 37 -16.57 -12.65 5.00
CA ALA A 37 -15.32 -13.30 4.56
C ALA A 37 -15.17 -14.69 5.20
N PHE A 38 -15.34 -14.77 6.53
CA PHE A 38 -15.30 -16.05 7.29
C PHE A 38 -16.34 -17.01 6.70
N ALA A 39 -17.58 -16.52 6.51
CA ALA A 39 -18.74 -17.30 6.02
C ALA A 39 -18.43 -17.84 4.63
N ALA A 40 -17.89 -17.00 3.74
CA ALA A 40 -17.52 -17.35 2.35
C ALA A 40 -16.41 -18.40 2.34
N ASN A 41 -15.31 -18.13 3.06
CA ASN A 41 -14.09 -19.00 3.07
C ASN A 41 -14.45 -20.37 3.69
N LEU A 42 -15.20 -20.38 4.79
CA LEU A 42 -15.65 -21.63 5.48
C LEU A 42 -16.46 -22.49 4.49
N ARG A 43 -17.42 -21.90 3.77
CA ARG A 43 -18.27 -22.63 2.79
C ARG A 43 -17.39 -23.25 1.70
N ASP A 44 -16.44 -22.47 1.16
CA ASP A 44 -15.59 -22.89 0.00
C ASP A 44 -14.62 -23.99 0.45
N SER A 45 -14.27 -24.04 1.74
CA SER A 45 -13.42 -25.07 2.37
C SER A 45 -14.23 -26.32 2.74
N GLY A 46 -15.53 -26.36 2.44
CA GLY A 46 -16.40 -27.53 2.65
C GLY A 46 -16.85 -27.69 4.11
N VAL A 47 -16.88 -26.59 4.88
CA VAL A 47 -17.36 -26.55 6.28
C VAL A 47 -18.86 -26.19 6.29
N ALA A 48 -19.69 -27.00 6.93
CA ALA A 48 -21.12 -26.70 7.19
C ALA A 48 -21.20 -25.38 7.97
N VAL A 49 -21.87 -24.38 7.39
CA VAL A 49 -21.83 -22.99 7.92
C VAL A 49 -23.25 -22.41 7.94
N ARG A 50 -23.58 -21.65 8.98
CA ARG A 50 -24.85 -20.92 9.18
C ARG A 50 -24.54 -19.45 9.47
N VAL A 51 -25.50 -18.55 9.21
CA VAL A 51 -25.39 -17.12 9.59
C VAL A 51 -26.51 -16.79 10.58
N GLY A 52 -26.14 -16.15 11.70
CA GLY A 52 -27.07 -15.53 12.66
C GLY A 52 -26.94 -14.02 12.60
N ASN A 53 -28.03 -13.32 12.30
CA ASN A 53 -28.00 -11.85 12.09
C ASN A 53 -29.31 -11.24 12.57
N ILE A 54 -29.27 -10.00 13.07
CA ILE A 54 -30.47 -9.19 13.40
C ILE A 54 -31.17 -8.82 12.09
N ASP A 55 -32.31 -8.14 12.18
CA ASP A 55 -33.16 -7.74 11.03
C ASP A 55 -32.64 -6.42 10.45
N ASP A 56 -31.60 -6.48 9.61
CA ASP A 56 -30.94 -5.31 8.96
C ASP A 56 -30.43 -5.73 7.56
N ARG A 57 -29.71 -4.85 6.86
CA ARG A 57 -29.33 -5.07 5.43
C ARG A 57 -28.42 -6.30 5.29
N TYR A 58 -27.62 -6.64 6.30
CA TYR A 58 -26.64 -7.76 6.26
C TYR A 58 -27.38 -9.10 6.22
N PHE A 59 -28.55 -9.20 6.85
CA PHE A 59 -29.43 -10.40 6.84
C PHE A 59 -29.83 -10.69 5.39
N GLU A 60 -30.23 -9.65 4.66
CA GLU A 60 -30.71 -9.77 3.26
C GLU A 60 -29.52 -10.15 2.37
N LEU A 61 -28.35 -9.57 2.61
CA LEU A 61 -27.13 -9.83 1.79
C LEU A 61 -26.73 -11.31 1.94
N ALA A 62 -26.70 -11.79 3.18
CA ALA A 62 -26.40 -13.21 3.53
C ALA A 62 -27.32 -14.13 2.72
N ARG A 63 -28.63 -13.86 2.73
CA ARG A 63 -29.64 -14.66 1.98
C ARG A 63 -29.38 -14.57 0.48
N ALA A 64 -29.00 -13.39 -0.03
CA ALA A 64 -28.71 -13.13 -1.46
C ALA A 64 -27.51 -13.97 -1.90
N GLU A 65 -26.54 -14.20 -1.01
CA GLU A 65 -25.27 -14.93 -1.32
C GLU A 65 -25.39 -16.41 -0.89
N GLY A 66 -26.61 -16.88 -0.59
CA GLY A 66 -27.01 -18.30 -0.60
C GLY A 66 -26.82 -19.00 0.75
N HIS A 67 -26.67 -18.25 1.85
CA HIS A 67 -26.43 -18.80 3.21
C HIS A 67 -27.77 -19.11 3.89
N ARG A 68 -27.78 -20.09 4.80
CA ARG A 68 -28.87 -20.26 5.79
C ARG A 68 -28.75 -19.13 6.82
N VAL A 69 -29.77 -18.27 6.92
CA VAL A 69 -29.76 -17.10 7.83
C VAL A 69 -30.96 -17.17 8.78
N THR A 70 -30.73 -16.92 10.06
CA THR A 70 -31.75 -16.81 11.13
C THR A 70 -31.32 -15.69 12.08
N ASN A 71 -32.14 -15.43 13.10
CA ASN A 71 -31.75 -14.62 14.28
C ASN A 71 -30.53 -15.29 14.94
N ILE A 72 -29.87 -14.58 15.85
CA ILE A 72 -28.59 -15.02 16.48
C ILE A 72 -28.84 -16.23 17.39
N ALA A 73 -29.91 -16.20 18.20
CA ALA A 73 -30.26 -17.25 19.19
C ALA A 73 -30.40 -18.62 18.51
N GLU A 74 -31.10 -18.69 17.37
CA GLU A 74 -31.35 -19.95 16.61
C GLU A 74 -30.06 -20.46 15.95
N ALA A 75 -29.24 -19.55 15.42
CA ALA A 75 -27.92 -19.87 14.82
C ALA A 75 -27.04 -20.57 15.89
N VAL A 76 -26.95 -19.96 17.08
CA VAL A 76 -26.13 -20.47 18.22
C VAL A 76 -26.66 -21.84 18.64
N ALA A 77 -27.99 -21.98 18.75
CA ALA A 77 -28.70 -23.21 19.18
C ALA A 77 -28.29 -24.40 18.31
N HIS A 78 -28.04 -24.17 17.01
CA HIS A 78 -27.84 -25.23 15.98
C HIS A 78 -26.37 -25.31 15.52
N ALA A 79 -25.41 -24.90 16.36
CA ALA A 79 -23.98 -24.81 16.00
C ALA A 79 -23.07 -25.41 17.09
N ASP A 80 -21.95 -25.97 16.66
CA ASP A 80 -20.88 -26.54 17.53
C ASP A 80 -19.78 -25.49 17.73
N ILE A 81 -19.65 -24.55 16.78
CA ILE A 81 -18.67 -23.43 16.83
C ILE A 81 -19.41 -22.14 16.47
N VAL A 82 -19.25 -21.10 17.30
CA VAL A 82 -19.92 -19.77 17.17
C VAL A 82 -18.84 -18.71 17.00
N LEU A 83 -18.86 -17.99 15.87
CA LEU A 83 -17.91 -16.87 15.56
C LEU A 83 -18.66 -15.54 15.72
N LEU A 84 -18.36 -14.83 16.81
CA LEU A 84 -19.05 -13.57 17.21
C LEU A 84 -18.40 -12.38 16.48
N LEU A 85 -18.87 -12.11 15.26
CA LEU A 85 -18.29 -11.11 14.32
C LEU A 85 -19.29 -9.97 14.13
N ILE A 86 -19.60 -9.30 15.24
CA ILE A 86 -20.38 -8.03 15.31
C ILE A 86 -19.53 -7.00 16.04
N PRO A 87 -19.85 -5.69 15.91
CA PRO A 87 -19.12 -4.65 16.65
C PRO A 87 -18.98 -4.92 18.15
N ASP A 88 -17.83 -4.52 18.71
CA ASP A 88 -17.30 -4.98 20.02
C ASP A 88 -18.20 -4.48 21.17
N GLU A 89 -18.75 -3.27 21.07
CA GLU A 89 -19.61 -2.66 22.13
C GLU A 89 -20.92 -3.44 22.27
N ALA A 90 -21.31 -4.21 21.24
CA ALA A 90 -22.59 -4.96 21.17
C ALA A 90 -22.41 -6.41 21.63
N HIS A 91 -21.18 -6.83 21.96
CA HIS A 91 -20.85 -8.22 22.41
C HIS A 91 -21.58 -8.56 23.72
N GLY A 92 -21.56 -7.63 24.69
CA GLY A 92 -22.13 -7.81 26.03
C GLY A 92 -23.57 -8.27 26.01
N ALA A 93 -24.44 -7.49 25.36
CA ALA A 93 -25.91 -7.72 25.30
C ALA A 93 -26.21 -8.98 24.50
N VAL A 94 -25.52 -9.19 23.37
CA VAL A 94 -25.74 -10.37 22.48
C VAL A 94 -25.25 -11.63 23.21
N PHE A 95 -24.14 -11.55 23.95
CA PHE A 95 -23.59 -12.67 24.76
C PHE A 95 -24.63 -13.08 25.82
N ASP A 96 -25.08 -12.14 26.65
CA ASP A 96 -25.97 -12.39 27.82
C ASP A 96 -27.34 -12.87 27.35
N VAL A 97 -27.90 -12.29 26.29
CA VAL A 97 -29.32 -12.51 25.88
C VAL A 97 -29.37 -13.67 24.87
N ASP A 98 -28.48 -13.68 23.87
CA ASP A 98 -28.61 -14.53 22.65
C ASP A 98 -27.65 -15.74 22.68
N ILE A 99 -26.39 -15.55 23.08
CA ILE A 99 -25.34 -16.61 22.96
C ILE A 99 -25.34 -17.51 24.20
N ALA A 100 -25.00 -16.95 25.38
CA ALA A 100 -24.74 -17.72 26.62
C ALA A 100 -25.91 -18.66 26.90
N PRO A 101 -27.19 -18.19 26.93
CA PRO A 101 -28.33 -19.09 27.10
C PRO A 101 -28.46 -20.27 26.12
N ASN A 102 -27.88 -20.21 24.92
CA ASN A 102 -28.14 -21.19 23.81
C ASN A 102 -26.88 -21.95 23.39
N LEU A 103 -25.69 -21.62 23.94
CA LEU A 103 -24.42 -22.29 23.57
C LEU A 103 -24.42 -23.71 24.13
N ARG A 104 -24.36 -24.72 23.25
CA ARG A 104 -24.36 -26.18 23.61
C ARG A 104 -23.17 -26.50 24.52
N ASP A 105 -23.26 -27.60 25.27
CA ASP A 105 -22.09 -28.18 25.98
C ASP A 105 -21.06 -28.60 24.92
N GLY A 106 -19.77 -28.32 25.19
CA GLY A 106 -18.64 -28.72 24.33
C GLY A 106 -18.44 -27.75 23.16
N ALA A 107 -19.30 -26.72 23.06
CA ALA A 107 -19.28 -25.73 21.95
C ALA A 107 -18.13 -24.74 22.16
N LEU A 108 -17.58 -24.21 21.06
CA LEU A 108 -16.49 -23.20 21.04
C LEU A 108 -17.09 -21.84 20.66
N LEU A 109 -16.83 -20.81 21.45
CA LEU A 109 -17.10 -19.38 21.09
C LEU A 109 -15.76 -18.68 20.80
N CYS A 110 -15.66 -18.00 19.65
CA CYS A 110 -14.47 -17.24 19.20
C CYS A 110 -14.84 -15.76 19.00
N VAL A 111 -14.02 -14.84 19.53
CA VAL A 111 -14.02 -13.39 19.21
C VAL A 111 -12.85 -13.13 18.24
N ALA A 112 -12.92 -12.06 17.45
CA ALA A 112 -11.87 -11.68 16.47
C ALA A 112 -11.06 -10.48 16.98
N HIS A 113 -11.25 -10.11 18.25
CA HIS A 113 -10.63 -8.94 18.92
C HIS A 113 -10.78 -9.13 20.44
N GLY A 114 -9.75 -8.78 21.21
CA GLY A 114 -9.68 -9.05 22.66
C GLY A 114 -10.52 -8.09 23.49
N HIS A 115 -11.07 -7.03 22.90
CA HIS A 115 -11.68 -5.89 23.65
C HIS A 115 -12.75 -6.39 24.63
N SER A 116 -13.78 -7.10 24.15
CA SER A 116 -14.94 -7.54 24.97
C SER A 116 -14.47 -8.46 26.11
N LEU A 117 -13.41 -9.25 25.89
CA LEU A 117 -12.80 -10.14 26.92
C LEU A 117 -12.14 -9.28 28.02
N VAL A 118 -11.40 -8.24 27.63
CA VAL A 118 -10.73 -7.31 28.59
C VAL A 118 -11.80 -6.60 29.43
N GLN A 119 -12.94 -6.27 28.84
CA GLN A 119 -14.04 -5.50 29.48
C GLN A 119 -14.94 -6.43 30.33
N GLY A 120 -14.77 -7.75 30.21
CA GLY A 120 -15.60 -8.75 30.92
C GLY A 120 -17.02 -8.80 30.40
N ASP A 121 -17.23 -8.43 29.12
CA ASP A 121 -18.54 -8.46 28.42
C ASP A 121 -18.75 -9.86 27.81
N VAL A 122 -17.68 -10.53 27.41
CA VAL A 122 -17.68 -11.98 27.04
C VAL A 122 -16.82 -12.71 28.08
N ARG A 123 -17.29 -13.88 28.52
CA ARG A 123 -16.78 -14.58 29.74
C ARG A 123 -16.76 -16.08 29.49
N PRO A 124 -15.86 -16.83 30.16
CA PRO A 124 -15.91 -18.29 30.15
C PRO A 124 -17.24 -18.80 30.74
N LEU A 125 -17.79 -19.86 30.16
CA LEU A 125 -19.01 -20.54 30.65
C LEU A 125 -18.65 -21.97 31.03
N PRO A 126 -19.18 -22.50 32.15
CA PRO A 126 -19.02 -23.92 32.48
C PRO A 126 -19.34 -24.79 31.25
N GLY A 127 -18.47 -25.75 30.95
CA GLY A 127 -18.72 -26.83 29.96
C GLY A 127 -18.40 -26.39 28.54
N ARG A 128 -17.86 -25.19 28.34
CA ARG A 128 -17.70 -24.59 26.99
C ARG A 128 -16.30 -23.99 26.80
N ASP A 129 -15.90 -23.82 25.55
CA ASP A 129 -14.57 -23.30 25.14
C ASP A 129 -14.73 -21.83 24.72
N LEU A 130 -13.77 -20.98 25.10
CA LEU A 130 -13.71 -19.55 24.70
C LEU A 130 -12.31 -19.26 24.14
N ALA A 131 -12.23 -18.60 22.98
CA ALA A 131 -10.97 -18.31 22.27
C ALA A 131 -11.06 -16.98 21.53
N MET A 132 -9.89 -16.45 21.16
CA MET A 132 -9.70 -15.36 20.18
C MET A 132 -8.98 -15.93 18.95
N LEU A 133 -9.50 -15.61 17.76
CA LEU A 133 -8.79 -15.74 16.46
C LEU A 133 -8.95 -14.40 15.74
N ALA A 134 -7.92 -13.55 15.82
CA ALA A 134 -7.94 -12.12 15.44
C ALA A 134 -7.10 -11.89 14.19
N PRO A 135 -7.71 -11.81 12.98
CA PRO A 135 -6.95 -11.59 11.75
C PRO A 135 -6.29 -10.20 11.72
N ARG A 136 -5.13 -10.09 11.05
CA ARG A 136 -4.34 -8.84 10.94
C ARG A 136 -4.64 -8.19 9.59
N MET A 137 -5.91 -8.19 9.18
CA MET A 137 -6.34 -7.80 7.80
C MET A 137 -7.88 -7.66 7.78
N TYR A 138 -8.40 -6.85 6.86
CA TYR A 138 -9.86 -6.61 6.68
C TYR A 138 -10.41 -7.57 5.61
N GLY A 139 -11.72 -7.51 5.36
CA GLY A 139 -12.52 -8.59 4.75
C GLY A 139 -12.09 -8.92 3.33
N ASP A 140 -12.10 -7.93 2.44
CA ASP A 140 -11.90 -8.11 0.98
C ASP A 140 -10.53 -8.77 0.74
N PRO A 141 -9.42 -8.23 1.29
CA PRO A 141 -8.11 -8.87 1.16
C PRO A 141 -8.08 -10.33 1.62
N ILE A 142 -8.66 -10.62 2.80
CA ILE A 142 -8.77 -12.01 3.36
C ILE A 142 -9.51 -12.89 2.33
N ARG A 143 -10.54 -12.35 1.67
CA ARG A 143 -11.35 -13.11 0.69
C ARG A 143 -10.55 -13.33 -0.59
N ARG A 144 -9.90 -12.28 -1.11
CA ARG A 144 -9.09 -12.36 -2.37
C ARG A 144 -7.88 -13.28 -2.16
N TYR A 145 -7.18 -13.15 -1.03
CA TYR A 145 -6.03 -14.03 -0.68
C TYR A 145 -6.49 -15.49 -0.71
N TYR A 146 -7.62 -15.80 -0.07
CA TYR A 146 -8.19 -17.17 0.01
C TYR A 146 -8.42 -17.74 -1.40
N LEU A 147 -9.01 -16.94 -2.30
CA LEU A 147 -9.38 -17.39 -3.68
C LEU A 147 -8.13 -17.63 -4.52
N ALA A 148 -7.01 -16.97 -4.19
CA ALA A 148 -5.71 -17.11 -4.89
C ALA A 148 -4.81 -18.14 -4.19
N GLY A 149 -5.37 -18.97 -3.30
CA GLY A 149 -4.63 -20.01 -2.55
C GLY A 149 -3.65 -19.41 -1.56
N GLN A 150 -3.94 -18.22 -1.03
CA GLN A 150 -3.09 -17.49 -0.05
C GLN A 150 -3.92 -17.17 1.19
N GLY A 151 -3.34 -16.40 2.13
CA GLY A 151 -4.05 -15.88 3.31
C GLY A 151 -3.30 -14.75 3.97
N ALA A 152 -3.91 -14.13 4.98
CA ALA A 152 -3.30 -13.08 5.82
C ALA A 152 -3.02 -13.66 7.20
N PRO A 153 -2.15 -13.03 8.01
CA PRO A 153 -1.83 -13.54 9.34
C PRO A 153 -2.99 -13.34 10.33
N ALA A 154 -2.95 -14.08 11.44
CA ALA A 154 -3.87 -13.97 12.59
C ALA A 154 -3.09 -14.20 13.89
N TYR A 155 -3.61 -13.69 15.00
CA TYR A 155 -3.19 -14.04 16.39
C TYR A 155 -4.32 -14.86 17.04
N PHE A 156 -3.97 -15.82 17.90
CA PHE A 156 -4.95 -16.67 18.61
C PHE A 156 -4.59 -16.74 20.10
N ASP A 157 -5.63 -16.84 20.94
CA ASP A 157 -5.51 -17.07 22.40
C ASP A 157 -6.61 -18.04 22.83
N ILE A 158 -6.24 -19.13 23.49
CA ILE A 158 -7.19 -20.10 24.13
C ILE A 158 -7.47 -19.60 25.55
N VAL A 159 -8.60 -18.92 25.75
CA VAL A 159 -8.95 -18.24 27.03
C VAL A 159 -9.49 -19.31 28.00
N ALA A 160 -10.41 -20.16 27.53
CA ALA A 160 -11.00 -21.28 28.32
C ALA A 160 -11.14 -22.51 27.43
N ASP A 161 -10.79 -23.68 27.97
CA ASP A 161 -10.76 -24.97 27.24
C ASP A 161 -11.30 -26.06 28.16
N HIS A 162 -12.62 -26.18 28.31
CA HIS A 162 -13.27 -27.24 29.12
C HIS A 162 -13.12 -28.59 28.40
N THR A 163 -13.33 -28.60 27.07
CA THR A 163 -13.32 -29.84 26.24
C THR A 163 -11.90 -30.41 26.14
N GLY A 164 -10.88 -29.55 26.22
CA GLY A 164 -9.48 -29.93 25.96
C GLY A 164 -9.19 -30.02 24.46
N ARG A 165 -10.13 -29.61 23.60
CA ARG A 165 -9.99 -29.70 22.12
C ARG A 165 -10.13 -28.31 21.48
N ALA A 166 -10.12 -27.24 22.29
CA ALA A 166 -10.30 -25.84 21.83
C ALA A 166 -9.21 -25.48 20.81
N ARG A 167 -7.96 -25.85 21.06
CA ARG A 167 -6.79 -25.45 20.21
C ARG A 167 -6.99 -26.01 18.80
N ASP A 168 -7.22 -27.32 18.66
CA ASP A 168 -7.37 -28.01 17.36
C ASP A 168 -8.52 -27.37 16.57
N ARG A 169 -9.61 -27.00 17.24
CA ARG A 169 -10.83 -26.43 16.61
C ARG A 169 -10.54 -25.00 16.13
N VAL A 170 -9.89 -24.18 16.95
CA VAL A 170 -9.53 -22.75 16.61
C VAL A 170 -8.61 -22.74 15.37
N LEU A 171 -7.61 -23.62 15.30
CA LEU A 171 -6.61 -23.67 14.21
C LEU A 171 -7.24 -24.27 12.95
N ALA A 172 -8.20 -25.19 13.09
CA ALA A 172 -8.98 -25.77 11.96
C ALA A 172 -9.82 -24.66 11.33
N ILE A 173 -10.42 -23.79 12.16
CA ILE A 173 -11.17 -22.58 11.69
C ILE A 173 -10.19 -21.66 10.95
N ALA A 174 -9.04 -21.37 11.57
CA ALA A 174 -7.96 -20.53 10.98
C ALA A 174 -7.54 -21.12 9.63
N ARG A 175 -7.38 -22.44 9.54
CA ARG A 175 -6.95 -23.11 8.28
C ARG A 175 -8.05 -23.01 7.22
N ALA A 176 -9.32 -23.24 7.58
CA ALA A 176 -10.48 -23.20 6.67
C ALA A 176 -10.67 -21.79 6.07
N VAL A 177 -10.29 -20.75 6.83
CA VAL A 177 -10.47 -19.33 6.40
C VAL A 177 -9.17 -18.82 5.75
N GLY A 178 -8.04 -19.50 5.97
CA GLY A 178 -6.81 -19.36 5.16
C GLY A 178 -5.65 -18.73 5.92
N PHE A 179 -5.82 -18.36 7.19
CA PHE A 179 -4.80 -17.62 7.99
C PHE A 179 -3.50 -18.43 8.13
N THR A 180 -3.60 -19.76 8.22
CA THR A 180 -2.44 -20.68 8.38
C THR A 180 -1.55 -20.66 7.12
N ARG A 181 -2.02 -20.10 6.00
CA ARG A 181 -1.22 -19.96 4.76
C ARG A 181 -0.20 -18.83 4.91
N ALA A 182 -0.47 -17.87 5.79
CA ALA A 182 0.48 -16.82 6.22
C ALA A 182 1.17 -17.26 7.52
N GLY A 183 0.37 -17.43 8.58
CA GLY A 183 0.86 -17.83 9.92
C GLY A 183 -0.07 -17.35 11.00
N VAL A 184 -0.41 -18.24 11.94
CA VAL A 184 -1.29 -17.97 13.11
C VAL A 184 -0.44 -18.07 14.38
N MET A 185 -0.21 -16.94 15.06
CA MET A 185 0.74 -16.83 16.19
C MET A 185 -0.04 -16.68 17.51
N ALA A 186 0.36 -17.44 18.52
CA ALA A 186 -0.16 -17.32 19.91
C ALA A 186 0.17 -15.93 20.43
N LEU A 187 -0.83 -15.23 20.96
CA LEU A 187 -0.68 -13.90 21.60
C LEU A 187 -1.89 -13.68 22.51
N GLY A 188 -1.64 -13.26 23.76
CA GLY A 188 -2.68 -13.01 24.78
C GLY A 188 -3.69 -12.00 24.29
N TYR A 189 -4.97 -12.20 24.62
CA TYR A 189 -6.11 -11.38 24.12
C TYR A 189 -5.91 -9.91 24.54
N ARG A 190 -5.35 -9.70 25.74
CA ARG A 190 -5.11 -8.35 26.33
C ARG A 190 -4.07 -7.61 25.47
N GLN A 191 -2.97 -8.28 25.10
CA GLN A 191 -1.90 -7.67 24.25
C GLN A 191 -2.49 -7.33 22.87
N GLU A 192 -3.23 -8.25 22.25
CA GLU A 192 -3.87 -8.05 20.92
C GLU A 192 -4.77 -6.80 20.96
N THR A 193 -5.54 -6.62 22.04
CA THR A 193 -6.48 -5.47 22.21
C THR A 193 -5.70 -4.16 22.10
N PHE A 194 -4.64 -4.00 22.90
CA PHE A 194 -3.88 -2.72 23.02
C PHE A 194 -3.10 -2.46 21.73
N LEU A 195 -2.52 -3.52 21.16
CA LEU A 195 -1.78 -3.52 19.86
C LEU A 195 -2.72 -3.06 18.73
N ASP A 196 -3.89 -3.69 18.62
CA ASP A 196 -4.89 -3.45 17.55
C ASP A 196 -5.40 -2.00 17.66
N LEU A 197 -5.81 -1.56 18.85
CA LEU A 197 -6.33 -0.19 19.09
C LEU A 197 -5.23 0.85 18.83
N PHE A 198 -3.97 0.51 19.10
CA PHE A 198 -2.79 1.38 18.84
C PHE A 198 -2.66 1.68 17.34
N GLN A 199 -2.71 0.63 16.50
CA GLN A 199 -2.66 0.76 15.03
C GLN A 199 -3.75 1.74 14.57
N GLU A 200 -4.96 1.59 15.12
CA GLU A 200 -6.18 2.32 14.69
C GLU A 200 -6.15 3.78 15.18
N GLN A 201 -5.50 4.04 16.32
CA GLN A 201 -5.63 5.33 17.06
C GLN A 201 -4.36 6.19 16.90
N PHE A 202 -3.18 5.58 16.80
CA PHE A 202 -1.92 6.33 16.54
C PHE A 202 -1.51 6.19 15.07
N LEU A 203 -1.22 4.96 14.62
CA LEU A 203 -0.44 4.74 13.38
C LEU A 203 -1.25 5.20 12.16
N ALA A 204 -2.46 4.68 11.99
CA ALA A 204 -3.31 4.93 10.79
C ALA A 204 -3.66 6.42 10.70
N PRO A 205 -4.21 7.07 11.74
CA PRO A 205 -4.45 8.52 11.70
C PRO A 205 -3.19 9.33 11.36
N ALA A 206 -2.05 8.93 11.90
CA ALA A 206 -0.77 9.66 11.74
C ALA A 206 -0.25 9.51 10.30
N LEU A 207 -0.40 8.33 9.68
CA LEU A 207 0.01 8.10 8.27
C LEU A 207 -0.81 9.04 7.38
N VAL A 208 -2.13 9.13 7.58
CA VAL A 208 -3.03 9.98 6.76
C VAL A 208 -2.73 11.46 7.06
N ASP A 209 -2.60 11.84 8.34
CA ASP A 209 -2.23 13.22 8.74
C ASP A 209 -0.94 13.65 8.02
N LEU A 210 -0.01 12.72 7.82
CA LEU A 210 1.33 13.02 7.21
C LEU A 210 1.16 13.24 5.70
N VAL A 211 0.42 12.34 5.02
CA VAL A 211 -0.03 12.47 3.60
C VAL A 211 -0.70 13.84 3.42
N GLU A 212 -1.63 14.18 4.31
CA GLU A 212 -2.43 15.44 4.31
C GLU A 212 -1.52 16.65 4.48
N THR A 213 -0.48 16.54 5.33
CA THR A 213 0.50 17.64 5.59
C THR A 213 1.35 17.88 4.34
N GLY A 214 1.81 16.81 3.69
CA GLY A 214 2.51 16.89 2.40
C GLY A 214 1.67 17.64 1.38
N PHE A 215 0.40 17.23 1.25
CA PHE A 215 -0.57 17.81 0.28
C PHE A 215 -0.82 19.30 0.60
N GLN A 216 -1.05 19.62 1.86
CA GLN A 216 -1.45 21.00 2.27
C GLN A 216 -0.28 21.96 2.03
N VAL A 217 0.95 21.58 2.38
CA VAL A 217 2.17 22.43 2.20
C VAL A 217 2.41 22.69 0.71
N LEU A 218 2.32 21.65 -0.14
CA LEU A 218 2.49 21.77 -1.61
C LEU A 218 1.48 22.78 -2.17
N VAL A 219 0.21 22.69 -1.74
CA VAL A 219 -0.90 23.57 -2.21
C VAL A 219 -0.61 25.02 -1.77
N GLU A 220 -0.28 25.23 -0.50
CA GLU A 220 0.08 26.58 0.06
C GLU A 220 1.21 27.19 -0.76
N ARG A 221 2.19 26.37 -1.18
CA ARG A 221 3.43 26.82 -1.86
C ARG A 221 3.23 26.86 -3.38
N GLY A 222 1.99 26.72 -3.86
CA GLY A 222 1.60 27.06 -5.25
C GLY A 222 1.71 25.89 -6.21
N PHE A 223 1.83 24.65 -5.71
CA PHE A 223 1.87 23.43 -6.56
C PHE A 223 0.46 23.08 -7.03
N ASN A 224 0.37 22.52 -8.25
CA ASN A 224 -0.88 21.98 -8.86
C ASN A 224 -1.51 20.98 -7.88
N PRO A 225 -2.77 21.23 -7.40
CA PRO A 225 -3.39 20.37 -6.38
C PRO A 225 -3.58 18.90 -6.81
N LYS A 226 -3.95 18.66 -8.08
CA LYS A 226 -4.11 17.29 -8.63
C LYS A 226 -2.77 16.55 -8.49
N ALA A 227 -1.66 17.18 -8.88
CA ALA A 227 -0.30 16.59 -8.86
C ALA A 227 0.14 16.35 -7.42
N ALA A 228 -0.08 17.32 -6.52
CA ALA A 228 0.21 17.21 -5.07
C ALA A 228 -0.50 15.98 -4.49
N LEU A 229 -1.81 15.84 -4.77
CA LEU A 229 -2.64 14.69 -4.30
C LEU A 229 -2.05 13.39 -4.84
N LEU A 230 -1.74 13.33 -6.14
CA LEU A 230 -1.20 12.12 -6.82
C LEU A 230 0.09 11.65 -6.14
N GLU A 231 1.02 12.57 -5.86
CA GLU A 231 2.35 12.23 -5.30
C GLU A 231 2.21 11.66 -3.89
N VAL A 232 1.38 12.28 -3.05
CA VAL A 232 1.34 11.95 -1.59
C VAL A 232 0.55 10.66 -1.34
N TYR A 233 -0.29 10.20 -2.27
CA TYR A 233 -0.86 8.82 -2.26
C TYR A 233 -1.68 8.48 -3.53
N GLY A 234 -2.22 9.50 -4.23
CA GLY A 234 -3.26 9.34 -5.28
C GLY A 234 -2.78 8.55 -6.49
N SER A 235 -1.47 8.56 -6.78
CA SER A 235 -0.87 7.78 -7.90
C SER A 235 -0.85 6.29 -7.52
N GLY A 236 -0.93 6.00 -6.22
CA GLY A 236 -0.81 4.66 -5.65
C GLY A 236 0.64 4.30 -5.33
N GLU A 237 1.57 5.23 -5.52
CA GLU A 237 3.03 4.94 -5.44
C GLU A 237 3.43 4.73 -3.97
N MET A 238 3.02 5.63 -3.07
CA MET A 238 3.29 5.49 -1.62
C MET A 238 2.58 4.23 -1.07
N GLY A 239 1.39 3.92 -1.59
CA GLY A 239 0.66 2.67 -1.27
C GLY A 239 1.47 1.43 -1.63
N LYS A 240 2.00 1.38 -2.86
CA LYS A 240 2.83 0.26 -3.38
C LYS A 240 4.12 0.12 -2.57
N MET A 241 4.79 1.24 -2.27
CA MET A 241 6.03 1.26 -1.46
C MET A 241 5.78 0.53 -0.13
N MET A 242 4.63 0.82 0.50
CA MET A 242 4.25 0.31 1.83
C MET A 242 3.84 -1.18 1.75
N LEU A 243 3.15 -1.59 0.68
CA LEU A 243 2.69 -3.00 0.51
C LEU A 243 3.85 -3.88 0.02
N ASP A 244 4.68 -3.37 -0.91
CA ASP A 244 5.93 -4.04 -1.33
C ASP A 244 6.90 -4.09 -0.13
N GLY A 245 6.92 -3.03 0.69
CA GLY A 245 7.72 -2.95 1.93
C GLY A 245 7.35 -4.02 2.93
N ALA A 246 6.08 -4.41 3.00
CA ALA A 246 5.58 -5.51 3.86
C ALA A 246 6.36 -6.80 3.51
N ASP A 247 6.63 -7.00 2.22
CA ASP A 247 7.34 -8.21 1.71
C ASP A 247 8.84 -8.10 2.03
N ILE A 248 9.55 -7.17 1.40
CA ILE A 248 11.05 -7.16 1.33
C ILE A 248 11.65 -6.14 2.30
N GLY A 249 10.83 -5.28 2.91
CA GLY A 249 11.29 -4.24 3.84
C GLY A 249 11.21 -2.86 3.21
N LEU A 250 10.95 -1.84 4.03
CA LEU A 250 10.64 -0.47 3.54
C LEU A 250 11.92 0.20 3.01
N ASP A 251 13.01 0.19 3.79
CA ASP A 251 14.33 0.70 3.35
C ASP A 251 14.80 -0.07 2.11
N GLU A 252 14.45 -1.36 2.01
CA GLU A 252 14.86 -2.27 0.89
C GLU A 252 14.09 -1.92 -0.39
N VAL A 253 12.82 -1.47 -0.29
CA VAL A 253 12.01 -1.01 -1.46
C VAL A 253 12.74 0.15 -2.14
N VAL A 254 13.13 1.15 -1.35
CA VAL A 254 13.81 2.38 -1.84
C VAL A 254 15.15 1.98 -2.48
N ALA A 255 15.88 1.04 -1.87
CA ALA A 255 17.17 0.53 -2.38
C ALA A 255 16.99 -0.18 -3.74
N LEU A 256 15.96 -1.02 -3.90
CA LEU A 256 15.76 -1.82 -5.13
C LEU A 256 15.17 -0.95 -6.25
N GLN A 257 14.21 -0.08 -5.92
CA GLN A 257 13.24 0.51 -6.89
C GLN A 257 13.52 1.99 -7.16
N GLY A 258 14.15 2.70 -6.21
CA GLY A 258 14.42 4.14 -6.35
C GLY A 258 15.63 4.42 -7.23
N SER A 259 15.55 5.43 -8.09
CA SER A 259 16.71 5.99 -8.82
C SER A 259 17.77 6.40 -7.79
N PRO A 260 19.06 6.55 -8.16
CA PRO A 260 20.06 7.08 -7.24
C PRO A 260 19.67 8.46 -6.67
N THR A 261 19.02 9.31 -7.49
CA THR A 261 18.52 10.65 -7.08
C THR A 261 17.53 10.50 -5.91
N CYS A 262 16.56 9.61 -6.06
CA CYS A 262 15.55 9.27 -5.00
C CYS A 262 16.27 8.76 -3.74
N GLN A 263 17.17 7.78 -3.90
CA GLN A 263 17.85 7.09 -2.77
C GLN A 263 18.67 8.10 -1.96
N VAL A 264 19.36 9.05 -2.62
CA VAL A 264 20.20 10.09 -1.94
C VAL A 264 19.28 11.04 -1.17
N GLY A 265 18.17 11.47 -1.77
CA GLY A 265 17.14 12.30 -1.12
C GLY A 265 16.56 11.62 0.11
N TYR A 266 16.07 10.39 -0.05
CA TYR A 266 15.46 9.56 1.01
C TYR A 266 16.41 9.45 2.21
N HIS A 267 17.68 9.13 1.94
CA HIS A 267 18.69 8.83 3.00
C HIS A 267 19.20 10.12 3.66
N ARG A 268 18.98 11.28 3.03
CA ARG A 268 19.33 12.59 3.64
C ARG A 268 18.40 12.86 4.83
N TRP A 269 17.13 12.42 4.76
CA TRP A 269 16.11 12.75 5.79
C TRP A 269 15.62 11.51 6.55
N ARG A 270 15.92 10.30 6.07
CA ARG A 270 15.54 9.05 6.78
C ARG A 270 16.06 9.15 8.23
N GLY A 271 15.18 8.91 9.21
CA GLY A 271 15.50 8.89 10.65
C GLY A 271 15.52 10.28 11.28
N ARG A 272 15.21 11.34 10.53
CA ARG A 272 15.40 12.75 11.01
C ARG A 272 14.09 13.57 10.90
N THR A 273 12.99 13.02 10.37
CA THR A 273 11.78 13.82 9.98
C THR A 273 10.85 14.10 11.17
N LEU A 274 10.81 13.22 12.18
CA LEU A 274 9.80 13.31 13.27
C LEU A 274 10.46 13.75 14.57
N PRO A 275 9.93 14.78 15.26
CA PRO A 275 10.42 15.18 16.59
C PRO A 275 9.90 14.22 17.68
N THR A 276 10.44 14.33 18.90
CA THR A 276 10.16 13.37 20.01
C THR A 276 8.68 13.44 20.40
N ALA A 277 8.00 14.57 20.15
CA ALA A 277 6.55 14.79 20.43
C ALA A 277 5.69 13.72 19.75
N VAL A 278 6.14 13.15 18.62
CA VAL A 278 5.39 12.09 17.90
C VAL A 278 5.42 10.81 18.75
N ARG A 279 6.62 10.37 19.14
CA ARG A 279 6.87 9.23 20.05
C ARG A 279 6.08 9.42 21.37
N GLU A 280 6.00 10.65 21.88
CA GLU A 280 5.33 10.98 23.17
C GLU A 280 3.80 10.88 23.01
N LEU A 281 3.24 11.33 21.88
CA LEU A 281 1.80 11.18 21.58
C LEU A 281 1.45 9.69 21.48
N ALA A 282 2.28 8.89 20.82
CA ALA A 282 2.13 7.42 20.72
C ALA A 282 1.97 6.82 22.11
N ALA A 283 2.78 7.26 23.09
CA ALA A 283 2.74 6.78 24.50
C ALA A 283 1.44 7.25 25.16
N ARG A 284 1.03 8.50 24.93
CA ARG A 284 -0.23 9.08 25.45
C ARG A 284 -1.40 8.23 24.94
N VAL A 285 -1.40 7.89 23.65
CA VAL A 285 -2.48 7.08 23.00
C VAL A 285 -2.50 5.69 23.66
N LEU A 286 -1.33 5.09 23.90
CA LEU A 286 -1.22 3.75 24.54
C LEU A 286 -1.76 3.81 25.98
N ASP A 287 -1.39 4.84 26.75
CA ASP A 287 -1.88 5.05 28.14
C ASP A 287 -3.42 5.12 28.14
N GLN A 288 -4.03 5.85 27.19
CA GLN A 288 -5.50 6.00 27.08
C GLN A 288 -6.14 4.63 26.83
N ILE A 289 -5.50 3.79 26.03
CA ILE A 289 -6.02 2.45 25.61
C ILE A 289 -5.97 1.49 26.81
N GLU A 290 -4.86 1.50 27.56
CA GLU A 290 -4.58 0.58 28.69
C GLU A 290 -5.32 1.04 29.96
N GLY A 291 -5.49 2.35 30.15
CA GLY A 291 -6.03 2.97 31.38
C GLY A 291 -7.54 2.88 31.47
N GLY A 292 -8.23 2.61 30.36
CA GLY A 292 -9.71 2.48 30.29
C GLY A 292 -10.37 3.71 29.70
N ASP A 293 -9.60 4.77 29.40
CA ASP A 293 -10.15 6.07 28.93
C ASP A 293 -10.79 5.87 27.55
N PHE A 294 -10.11 5.21 26.62
CA PHE A 294 -10.68 4.89 25.28
C PHE A 294 -12.00 4.13 25.44
N SER A 295 -11.99 3.02 26.21
CA SER A 295 -13.13 2.11 26.41
C SER A 295 -14.36 2.89 26.88
N ALA A 296 -14.17 3.88 27.77
CA ALA A 296 -15.24 4.78 28.26
C ALA A 296 -15.71 5.68 27.10
N TYR A 297 -14.77 6.31 26.38
CA TYR A 297 -15.06 7.17 25.20
C TYR A 297 -15.87 6.38 24.16
N LEU A 298 -15.42 5.15 23.88
CA LEU A 298 -16.07 4.24 22.88
C LEU A 298 -17.52 3.98 23.29
N LYS A 299 -17.77 3.71 24.57
CA LYS A 299 -19.14 3.34 25.06
C LYS A 299 -20.06 4.55 24.91
N GLU A 300 -19.56 5.75 25.23
CA GLU A 300 -20.29 7.03 25.01
C GLU A 300 -20.62 7.19 23.52
N GLN A 301 -19.61 7.11 22.65
CA GLN A 301 -19.75 7.32 21.18
C GLN A 301 -20.71 6.27 20.61
N ALA A 302 -20.75 5.08 21.20
CA ALA A 302 -21.55 3.93 20.73
C ALA A 302 -23.04 4.18 20.95
N SER A 303 -23.46 4.47 22.19
CA SER A 303 -24.87 4.39 22.67
C SER A 303 -25.74 5.53 22.07
N ASN A 304 -25.63 5.74 20.77
CA ASN A 304 -26.51 6.63 19.96
C ASN A 304 -26.65 6.05 18.55
N ASP A 305 -26.34 4.77 18.39
CA ASP A 305 -26.07 4.11 17.08
C ASP A 305 -24.99 4.91 16.34
N TYR A 306 -23.96 5.37 17.07
CA TYR A 306 -22.70 5.95 16.53
C TYR A 306 -23.00 7.20 15.70
N ALA A 307 -23.85 8.10 16.20
CA ALA A 307 -24.27 9.34 15.49
C ALA A 307 -23.08 10.30 15.36
N SER A 308 -22.28 10.40 16.43
CA SER A 308 -21.03 11.21 16.49
C SER A 308 -20.01 10.71 15.45
N LEU A 309 -20.01 9.42 15.15
CA LEU A 309 -19.14 8.82 14.10
C LEU A 309 -19.67 9.20 12.71
N ASP A 310 -20.99 9.16 12.52
CA ASP A 310 -21.65 9.61 11.25
C ASP A 310 -21.21 11.05 10.94
N ASP A 311 -21.30 11.94 11.94
CA ASP A 311 -20.91 13.37 11.83
C ASP A 311 -19.44 13.48 11.39
N ALA A 312 -18.55 12.69 11.97
CA ALA A 312 -17.09 12.70 11.70
C ALA A 312 -16.80 12.22 10.26
N ARG A 313 -17.44 11.12 9.85
CA ARG A 313 -17.28 10.52 8.50
C ARG A 313 -17.70 11.54 7.43
N ARG A 314 -18.81 12.25 7.65
CA ARG A 314 -19.35 13.26 6.69
C ARG A 314 -18.42 14.48 6.66
N ALA A 315 -17.95 14.96 7.81
CA ALA A 315 -17.00 16.11 7.93
C ALA A 315 -15.68 15.83 7.19
N ALA A 316 -15.14 14.61 7.32
CA ALA A 316 -13.87 14.17 6.70
C ALA A 316 -13.92 14.31 5.16
N LEU A 317 -15.08 14.03 4.55
CA LEU A 317 -15.23 14.00 3.06
C LEU A 317 -15.12 15.41 2.48
N LYS A 318 -15.28 16.45 3.30
CA LYS A 318 -15.20 17.87 2.88
C LYS A 318 -13.85 18.49 3.25
N ARG A 319 -12.91 17.71 3.81
CA ARG A 319 -11.52 18.16 4.03
C ARG A 319 -10.86 18.37 2.67
N PRO A 320 -10.07 19.45 2.48
CA PRO A 320 -9.36 19.69 1.21
C PRO A 320 -8.80 18.43 0.53
N LEU A 321 -8.10 17.57 1.27
CA LEU A 321 -7.47 16.35 0.73
C LEU A 321 -8.52 15.52 -0.03
N ASN A 322 -9.72 15.40 0.53
CA ASN A 322 -10.79 14.49 0.04
C ASN A 322 -11.59 15.18 -1.07
N VAL A 323 -11.71 16.51 -1.06
CA VAL A 323 -12.26 17.32 -2.20
C VAL A 323 -11.35 17.10 -3.41
N ALA A 324 -10.02 17.26 -3.21
CA ALA A 324 -8.97 17.04 -4.23
C ALA A 324 -8.97 15.57 -4.70
N HIS A 325 -9.18 14.61 -3.81
CA HIS A 325 -9.24 13.17 -4.19
C HIS A 325 -10.33 12.93 -5.24
N ALA A 326 -11.51 13.54 -5.05
CA ALA A 326 -12.69 13.36 -5.94
C ALA A 326 -12.41 13.96 -7.32
N GLN A 327 -11.71 15.10 -7.37
CA GLN A 327 -11.28 15.76 -8.63
C GLN A 327 -10.26 14.88 -9.38
N VAL A 328 -9.29 14.30 -8.67
CA VAL A 328 -8.21 13.46 -9.29
C VAL A 328 -8.83 12.16 -9.81
N ARG A 329 -9.71 11.52 -9.04
CA ARG A 329 -10.28 10.18 -9.37
C ARG A 329 -11.30 10.30 -10.51
N ALA A 330 -11.92 11.47 -10.70
CA ALA A 330 -12.82 11.76 -11.83
C ALA A 330 -12.04 11.85 -13.14
N ALA A 331 -10.79 12.33 -13.07
CA ALA A 331 -9.93 12.69 -14.25
C ALA A 331 -8.83 11.66 -14.51
N PHE A 332 -8.51 10.79 -13.53
CA PHE A 332 -7.48 9.72 -13.64
C PHE A 332 -8.10 8.36 -13.31
N ARG A 333 -8.01 7.41 -14.25
CA ARG A 333 -8.48 6.01 -14.03
C ARG A 333 -7.46 5.32 -13.12
N PHE A 334 -7.92 4.66 -12.04
CA PHE A 334 -7.07 3.87 -11.12
C PHE A 334 -7.32 2.39 -11.41
N PRO A 335 -6.25 1.55 -11.46
CA PRO A 335 -6.44 0.12 -11.67
C PRO A 335 -7.17 -0.52 -10.48
N THR A 336 -8.33 -1.12 -10.74
CA THR A 336 -9.11 -1.91 -9.75
C THR A 336 -9.46 -3.27 -10.38
N GLU A 337 -9.88 -4.23 -9.56
CA GLU A 337 -10.32 -5.59 -9.96
C GLU A 337 -11.82 -5.72 -9.68
N ALA A 338 -12.58 -6.34 -10.59
CA ALA A 338 -14.03 -6.58 -10.44
C ALA A 338 -14.28 -7.33 -9.12
N ALA A 339 -15.23 -6.87 -8.32
CA ALA A 339 -15.55 -7.40 -6.97
C ALA A 339 -16.94 -8.07 -6.98
N GLY A 340 -17.56 -8.22 -8.15
CA GLY A 340 -18.91 -8.79 -8.31
C GLY A 340 -18.92 -10.29 -8.16
N GLY A 341 -19.65 -10.81 -7.17
CA GLY A 341 -19.76 -12.27 -6.89
C GLY A 341 -18.57 -12.79 -6.11
N LEU A 342 -17.69 -11.88 -5.65
CA LEU A 342 -16.45 -12.18 -4.88
C LEU A 342 -16.76 -13.14 -3.73
N TYR A 343 -17.93 -12.98 -3.09
CA TYR A 343 -18.34 -13.71 -1.86
C TYR A 343 -19.37 -14.81 -2.17
N GLN A 344 -19.74 -15.00 -3.44
CA GLN A 344 -20.59 -16.12 -3.89
C GLN A 344 -19.72 -17.38 -3.91
N ALA A 345 -20.34 -18.57 -3.93
CA ALA A 345 -19.68 -19.88 -3.77
C ALA A 345 -18.66 -20.09 -4.90
N ALA A 346 -17.42 -20.48 -4.55
CA ALA A 346 -16.31 -20.80 -5.48
C ALA A 346 -16.61 -22.11 -6.21
N ASN B 7 -7.57 25.29 -15.87
CA ASN B 7 -8.05 23.87 -15.94
C ASN B 7 -6.92 23.00 -16.50
N ASP B 8 -6.85 21.73 -16.08
CA ASP B 8 -5.70 20.85 -16.37
C ASP B 8 -5.91 20.16 -17.73
N LEU B 9 -4.78 19.85 -18.38
CA LEU B 9 -4.69 19.12 -19.67
C LEU B 9 -4.32 17.68 -19.35
N ILE B 10 -5.29 16.76 -19.40
CA ILE B 10 -5.13 15.33 -19.00
C ILE B 10 -5.51 14.44 -20.18
N TYR B 11 -4.53 13.76 -20.78
CA TYR B 11 -4.70 12.87 -21.95
C TYR B 11 -4.93 11.43 -21.46
N GLN B 12 -5.97 10.78 -21.98
CA GLN B 12 -6.21 9.32 -21.82
C GLN B 12 -6.16 8.68 -23.22
N ASP B 13 -6.52 7.41 -23.34
CA ASP B 13 -6.31 6.59 -24.57
C ASP B 13 -6.99 7.23 -25.78
N GLU B 14 -8.22 7.71 -25.61
CA GLU B 14 -9.03 8.34 -26.69
C GLU B 14 -8.40 9.68 -27.12
N HIS B 15 -7.34 10.15 -26.44
CA HIS B 15 -6.66 11.44 -26.71
C HIS B 15 -5.23 11.23 -27.27
N ALA B 16 -4.85 9.98 -27.60
CA ALA B 16 -3.52 9.63 -28.15
C ALA B 16 -3.62 8.37 -29.01
N SER B 17 -2.66 8.15 -29.91
CA SER B 17 -2.60 6.96 -30.81
C SER B 17 -1.16 6.52 -31.03
N LEU B 18 -0.97 5.33 -31.61
CA LEU B 18 0.37 4.77 -31.95
C LEU B 18 0.76 5.16 -33.37
N GLN B 19 -0.03 5.99 -34.07
CA GLN B 19 0.23 6.39 -35.49
C GLN B 19 1.58 7.09 -35.62
N PRO B 20 1.94 8.06 -34.73
CA PRO B 20 3.26 8.69 -34.78
C PRO B 20 4.50 7.78 -34.64
N LEU B 21 4.32 6.50 -34.29
CA LEU B 21 5.43 5.53 -34.11
C LEU B 21 5.50 4.54 -35.28
N GLU B 22 4.57 4.64 -36.23
CA GLU B 22 4.59 3.78 -37.45
C GLU B 22 5.92 4.02 -38.18
N GLY B 23 6.76 2.99 -38.26
CA GLY B 23 8.04 2.99 -38.99
C GLY B 23 9.16 3.73 -38.28
N ARG B 24 9.00 4.03 -36.98
CA ARG B 24 10.02 4.77 -36.17
C ARG B 24 10.62 3.83 -35.12
N THR B 25 11.91 4.03 -34.81
CA THR B 25 12.68 3.26 -33.82
C THR B 25 12.87 4.11 -32.57
N VAL B 26 12.62 3.50 -31.40
CA VAL B 26 12.88 4.10 -30.06
C VAL B 26 14.16 3.48 -29.50
N ALA B 27 15.16 4.30 -29.20
CA ALA B 27 16.35 3.90 -28.41
C ALA B 27 16.02 4.16 -26.95
N VAL B 28 15.95 3.09 -26.15
CA VAL B 28 15.90 3.15 -24.65
C VAL B 28 17.35 3.20 -24.16
N ILE B 29 17.78 4.35 -23.65
CA ILE B 29 19.13 4.58 -23.06
C ILE B 29 19.06 4.21 -21.57
N GLY B 30 19.66 3.08 -21.20
CA GLY B 30 19.59 2.48 -19.86
C GLY B 30 18.56 1.36 -19.83
N TYR B 31 18.80 0.32 -19.03
CA TYR B 31 17.90 -0.84 -18.89
C TYR B 31 17.63 -1.09 -17.40
N GLY B 32 17.48 0.00 -16.64
CA GLY B 32 17.27 -0.03 -15.19
C GLY B 32 15.80 -0.18 -14.84
N ILE B 33 15.41 0.38 -13.69
CA ILE B 33 14.02 0.33 -13.14
C ILE B 33 13.04 0.85 -14.22
N GLN B 34 13.30 2.03 -14.79
CA GLN B 34 12.43 2.65 -15.83
C GLN B 34 12.73 2.03 -17.19
N GLY B 35 14.02 1.96 -17.56
CA GLY B 35 14.49 1.50 -18.90
C GLY B 35 13.90 0.16 -19.28
N ARG B 36 14.01 -0.83 -18.38
CA ARG B 36 13.52 -2.22 -18.57
C ARG B 36 12.01 -2.24 -18.80
N ALA B 37 11.27 -1.43 -18.04
CA ALA B 37 9.79 -1.32 -18.09
C ALA B 37 9.36 -0.72 -19.44
N PHE B 38 9.92 0.43 -19.82
CA PHE B 38 9.65 1.12 -21.10
C PHE B 38 9.91 0.17 -22.27
N ALA B 39 11.08 -0.47 -22.25
CA ALA B 39 11.56 -1.41 -23.30
C ALA B 39 10.52 -2.51 -23.51
N ALA B 40 10.05 -3.15 -22.43
CA ALA B 40 9.12 -4.30 -22.45
C ALA B 40 7.76 -3.88 -23.00
N ASN B 41 7.19 -2.81 -22.45
CA ASN B 41 5.84 -2.29 -22.81
C ASN B 41 5.85 -1.79 -24.26
N LEU B 42 6.93 -1.12 -24.69
CA LEU B 42 7.13 -0.66 -26.09
C LEU B 42 7.16 -1.87 -27.02
N ARG B 43 8.04 -2.83 -26.76
CA ARG B 43 8.16 -4.08 -27.53
C ARG B 43 6.78 -4.74 -27.69
N ASP B 44 6.05 -4.91 -26.59
CA ASP B 44 4.75 -5.63 -26.54
C ASP B 44 3.68 -4.86 -27.31
N SER B 45 3.81 -3.52 -27.37
CA SER B 45 2.87 -2.60 -28.08
C SER B 45 3.18 -2.55 -29.59
N GLY B 46 4.19 -3.28 -30.07
CA GLY B 46 4.51 -3.43 -31.50
C GLY B 46 5.44 -2.32 -32.01
N VAL B 47 6.07 -1.58 -31.10
CA VAL B 47 7.05 -0.50 -31.40
C VAL B 47 8.44 -1.14 -31.54
N ALA B 48 9.16 -0.83 -32.62
CA ALA B 48 10.58 -1.21 -32.82
C ALA B 48 11.41 -0.48 -31.77
N VAL B 49 12.15 -1.23 -30.94
CA VAL B 49 12.92 -0.64 -29.79
C VAL B 49 14.35 -1.21 -29.79
N ARG B 50 15.31 -0.35 -29.41
CA ARG B 50 16.74 -0.70 -29.20
C ARG B 50 17.15 -0.25 -27.82
N VAL B 51 18.10 -0.96 -27.19
CA VAL B 51 18.68 -0.55 -25.89
C VAL B 51 20.12 -0.07 -26.14
N GLY B 52 20.44 1.12 -25.63
CA GLY B 52 21.81 1.65 -25.53
C GLY B 52 22.24 1.63 -24.08
N ASN B 53 23.34 0.94 -23.77
CA ASN B 53 23.81 0.72 -22.38
C ASN B 53 25.34 0.60 -22.38
N ILE B 54 25.98 1.12 -21.32
CA ILE B 54 27.43 0.93 -21.02
C ILE B 54 27.65 -0.56 -20.69
N ASP B 55 28.90 -0.95 -20.41
CA ASP B 55 29.32 -2.38 -20.26
C ASP B 55 29.18 -2.85 -18.80
N ASP B 56 27.94 -3.05 -18.34
CA ASP B 56 27.61 -3.49 -16.95
C ASP B 56 26.54 -4.58 -17.01
N ARG B 57 25.96 -4.97 -15.87
CA ARG B 57 25.04 -6.14 -15.77
C ARG B 57 23.75 -5.88 -16.56
N TYR B 58 23.34 -4.62 -16.67
CA TYR B 58 22.08 -4.20 -17.34
C TYR B 58 22.19 -4.50 -18.85
N PHE B 59 23.38 -4.33 -19.43
CA PHE B 59 23.70 -4.69 -20.84
C PHE B 59 23.37 -6.17 -21.06
N GLU B 60 23.82 -7.02 -20.15
CA GLU B 60 23.68 -8.50 -20.25
C GLU B 60 22.21 -8.88 -20.04
N LEU B 61 21.53 -8.22 -19.10
CA LEU B 61 20.11 -8.46 -18.79
C LEU B 61 19.26 -8.18 -20.04
N ALA B 62 19.51 -7.03 -20.69
CA ALA B 62 18.80 -6.60 -21.91
C ALA B 62 18.97 -7.65 -23.02
N ARG B 63 20.18 -8.21 -23.16
CA ARG B 63 20.49 -9.26 -24.17
C ARG B 63 19.77 -10.56 -23.80
N ALA B 64 19.78 -10.95 -22.53
CA ALA B 64 19.13 -12.17 -22.01
C ALA B 64 17.61 -12.10 -22.25
N GLU B 65 17.03 -10.90 -22.20
CA GLU B 65 15.57 -10.68 -22.39
C GLU B 65 15.30 -10.37 -23.88
N GLY B 66 16.32 -10.48 -24.74
CA GLY B 66 16.14 -10.62 -26.20
C GLY B 66 16.07 -9.30 -26.95
N HIS B 67 16.57 -8.20 -26.36
CA HIS B 67 16.60 -6.85 -26.98
C HIS B 67 17.85 -6.70 -27.84
N ARG B 68 17.81 -5.83 -28.86
CA ARG B 68 19.03 -5.37 -29.59
C ARG B 68 19.76 -4.38 -28.69
N VAL B 69 20.96 -4.73 -28.20
CA VAL B 69 21.75 -3.87 -27.27
C VAL B 69 23.08 -3.52 -27.94
N THR B 70 23.45 -2.24 -27.87
CA THR B 70 24.74 -1.65 -28.29
C THR B 70 25.15 -0.62 -27.24
N ASN B 71 26.33 -0.01 -27.40
CA ASN B 71 26.74 1.22 -26.67
C ASN B 71 25.68 2.31 -26.94
N ILE B 72 25.71 3.40 -26.17
CA ILE B 72 24.67 4.48 -26.22
C ILE B 72 24.72 5.17 -27.59
N ALA B 73 25.92 5.53 -28.07
CA ALA B 73 26.13 6.33 -29.30
C ALA B 73 25.44 5.66 -30.50
N GLU B 74 25.67 4.36 -30.68
CA GLU B 74 25.14 3.58 -31.84
C GLU B 74 23.60 3.50 -31.78
N ALA B 75 23.04 3.28 -30.59
CA ALA B 75 21.57 3.20 -30.37
C ALA B 75 20.93 4.54 -30.77
N VAL B 76 21.50 5.64 -30.30
CA VAL B 76 21.05 7.04 -30.58
C VAL B 76 21.12 7.30 -32.09
N ALA B 77 22.24 6.93 -32.73
CA ALA B 77 22.53 7.18 -34.16
C ALA B 77 21.52 6.47 -35.05
N HIS B 78 20.88 5.40 -34.56
CA HIS B 78 19.95 4.53 -35.33
C HIS B 78 18.51 4.69 -34.84
N ALA B 79 18.18 5.83 -34.21
CA ALA B 79 16.87 6.04 -33.54
C ALA B 79 16.21 7.34 -33.99
N ASP B 80 14.88 7.34 -34.03
CA ASP B 80 14.02 8.53 -34.30
C ASP B 80 13.58 9.14 -32.97
N ILE B 81 13.41 8.31 -31.94
CA ILE B 81 13.05 8.75 -30.56
C ILE B 81 14.04 8.13 -29.58
N VAL B 82 14.54 8.93 -28.63
CA VAL B 82 15.56 8.55 -27.62
C VAL B 82 15.01 8.86 -26.23
N LEU B 83 14.94 7.84 -25.36
CA LEU B 83 14.49 7.98 -23.95
C LEU B 83 15.72 7.85 -23.04
N LEU B 84 16.07 8.91 -22.32
CA LEU B 84 17.29 8.98 -21.47
C LEU B 84 16.91 8.51 -20.06
N LEU B 85 16.98 7.19 -19.81
CA LEU B 85 16.52 6.53 -18.57
C LEU B 85 17.73 5.95 -17.81
N ILE B 86 18.67 6.83 -17.48
CA ILE B 86 19.84 6.58 -16.59
C ILE B 86 19.75 7.57 -15.44
N PRO B 87 20.52 7.38 -14.34
CA PRO B 87 20.51 8.32 -13.22
C PRO B 87 20.75 9.76 -13.71
N ASP B 88 20.11 10.71 -13.03
CA ASP B 88 19.99 12.13 -13.45
C ASP B 88 21.37 12.81 -13.47
N GLU B 89 22.28 12.42 -12.58
CA GLU B 89 23.62 13.04 -12.45
C GLU B 89 24.54 12.57 -13.59
N ALA B 90 24.20 11.48 -14.29
CA ALA B 90 24.98 10.93 -15.42
C ALA B 90 24.50 11.52 -16.76
N HIS B 91 23.37 12.24 -16.77
CA HIS B 91 22.74 12.83 -17.98
C HIS B 91 23.72 13.78 -18.71
N GLY B 92 24.38 14.68 -17.96
CA GLY B 92 25.23 15.76 -18.51
C GLY B 92 26.31 15.25 -19.44
N ALA B 93 27.11 14.30 -18.95
CA ALA B 93 28.26 13.70 -19.69
C ALA B 93 27.77 12.83 -20.85
N VAL B 94 26.68 12.07 -20.64
CA VAL B 94 26.13 11.14 -21.69
C VAL B 94 25.48 11.97 -22.80
N PHE B 95 24.80 13.08 -22.46
CA PHE B 95 24.16 14.00 -23.44
C PHE B 95 25.24 14.61 -24.34
N ASP B 96 26.33 15.10 -23.72
CA ASP B 96 27.45 15.82 -24.41
C ASP B 96 28.24 14.86 -25.32
N VAL B 97 28.55 13.65 -24.84
CA VAL B 97 29.48 12.70 -25.53
C VAL B 97 28.70 11.79 -26.48
N ASP B 98 27.57 11.24 -26.04
CA ASP B 98 26.90 10.09 -26.72
C ASP B 98 25.64 10.52 -27.49
N ILE B 99 24.85 11.47 -26.99
CA ILE B 99 23.49 11.77 -27.53
C ILE B 99 23.59 12.92 -28.53
N ALA B 100 24.03 14.11 -28.09
CA ALA B 100 24.00 15.37 -28.89
C ALA B 100 24.64 15.16 -30.26
N PRO B 101 25.85 14.56 -30.38
CA PRO B 101 26.49 14.37 -31.69
C PRO B 101 25.86 13.30 -32.60
N ASN B 102 24.93 12.46 -32.09
CA ASN B 102 24.37 11.31 -32.84
C ASN B 102 22.85 11.44 -33.02
N LEU B 103 22.24 12.45 -32.41
CA LEU B 103 20.78 12.72 -32.49
C LEU B 103 20.45 13.18 -33.92
N ARG B 104 19.69 12.39 -34.67
CA ARG B 104 19.26 12.72 -36.06
C ARG B 104 18.44 14.02 -36.06
N ASP B 105 18.41 14.73 -37.19
CA ASP B 105 17.49 15.87 -37.43
C ASP B 105 16.05 15.36 -37.24
N GLY B 106 15.22 16.14 -36.55
CA GLY B 106 13.80 15.81 -36.30
C GLY B 106 13.61 14.70 -35.26
N ALA B 107 14.70 14.26 -34.61
CA ALA B 107 14.65 13.25 -33.54
C ALA B 107 14.06 13.88 -32.29
N LEU B 108 13.40 13.08 -31.44
CA LEU B 108 12.85 13.50 -30.12
C LEU B 108 13.69 12.87 -29.00
N LEU B 109 14.11 13.70 -28.03
CA LEU B 109 14.74 13.25 -26.77
C LEU B 109 13.77 13.47 -25.62
N CYS B 110 13.50 12.43 -24.82
CA CYS B 110 12.63 12.47 -23.60
C CYS B 110 13.46 12.17 -22.36
N VAL B 111 13.20 12.90 -21.27
CA VAL B 111 13.67 12.60 -19.88
C VAL B 111 12.44 12.20 -19.06
N ALA B 112 12.63 11.37 -18.04
CA ALA B 112 11.54 10.87 -17.16
C ALA B 112 11.56 11.62 -15.83
N HIS B 113 12.28 12.74 -15.77
CA HIS B 113 12.43 13.62 -14.58
C HIS B 113 13.03 14.95 -15.05
N GLY B 114 12.61 16.07 -14.44
CA GLY B 114 12.95 17.42 -14.92
C GLY B 114 14.31 17.91 -14.43
N HIS B 115 15.02 17.14 -13.60
CA HIS B 115 16.21 17.63 -12.84
C HIS B 115 17.31 18.11 -13.80
N SER B 116 17.66 17.28 -14.79
CA SER B 116 18.75 17.57 -15.76
C SER B 116 18.40 18.83 -16.56
N LEU B 117 17.10 19.08 -16.77
CA LEU B 117 16.58 20.27 -17.51
C LEU B 117 16.73 21.53 -16.64
N VAL B 118 16.35 21.46 -15.37
CA VAL B 118 16.51 22.58 -14.38
C VAL B 118 18.00 22.94 -14.29
N GLN B 119 18.88 21.96 -14.17
CA GLN B 119 20.34 22.16 -13.96
C GLN B 119 21.01 22.62 -15.25
N GLY B 120 20.40 22.36 -16.41
CA GLY B 120 20.90 22.76 -17.74
C GLY B 120 21.88 21.75 -18.31
N ASP B 121 21.81 20.49 -17.86
CA ASP B 121 22.71 19.38 -18.27
C ASP B 121 22.15 18.73 -19.54
N VAL B 122 20.84 18.80 -19.75
CA VAL B 122 20.18 18.46 -21.04
C VAL B 122 19.50 19.74 -21.54
N ARG B 123 19.81 20.12 -22.78
CA ARG B 123 19.40 21.42 -23.38
C ARG B 123 18.71 21.14 -24.72
N PRO B 124 17.83 22.04 -25.21
CA PRO B 124 17.29 21.93 -26.55
C PRO B 124 18.44 21.99 -27.56
N LEU B 125 18.33 21.22 -28.64
CA LEU B 125 19.30 21.19 -29.76
C LEU B 125 18.61 21.69 -31.03
N PRO B 126 19.26 22.57 -31.84
CA PRO B 126 18.67 22.98 -33.12
C PRO B 126 18.32 21.76 -33.98
N GLY B 127 17.09 21.73 -34.51
CA GLY B 127 16.62 20.71 -35.47
C GLY B 127 15.95 19.53 -34.79
N ARG B 128 15.85 19.53 -33.45
CA ARG B 128 15.40 18.36 -32.65
C ARG B 128 14.37 18.77 -31.61
N ASP B 129 13.61 17.78 -31.14
CA ASP B 129 12.54 17.93 -30.12
C ASP B 129 13.10 17.49 -28.76
N LEU B 130 12.71 18.19 -27.69
CA LEU B 130 13.03 17.82 -26.30
C LEU B 130 11.74 17.79 -25.48
N ALA B 131 11.50 16.74 -24.71
CA ALA B 131 10.30 16.61 -23.85
C ALA B 131 10.64 15.94 -22.53
N MET B 132 9.79 16.15 -21.53
CA MET B 132 9.73 15.34 -20.29
C MET B 132 8.50 14.43 -20.37
N LEU B 133 8.67 13.15 -20.04
CA LEU B 133 7.56 12.20 -19.79
C LEU B 133 7.88 11.44 -18.50
N ALA B 134 7.35 11.92 -17.36
CA ALA B 134 7.73 11.52 -15.98
C ALA B 134 6.63 10.65 -15.38
N PRO B 135 6.78 9.31 -15.36
CA PRO B 135 5.79 8.44 -14.71
C PRO B 135 5.75 8.67 -13.19
N ARG B 136 4.57 8.51 -12.56
CA ARG B 136 4.35 8.68 -11.11
C ARG B 136 4.36 7.29 -10.43
N MET B 137 5.32 6.45 -10.79
CA MET B 137 5.35 5.02 -10.41
C MET B 137 6.70 4.42 -10.83
N TYR B 138 7.19 3.42 -10.09
CA TYR B 138 8.45 2.69 -10.40
C TYR B 138 8.14 1.52 -11.35
N GLY B 139 9.18 0.78 -11.74
CA GLY B 139 9.20 -0.08 -12.95
C GLY B 139 8.23 -1.25 -12.85
N ASP B 140 8.33 -2.05 -11.80
CA ASP B 140 7.53 -3.29 -11.60
C ASP B 140 6.04 -2.99 -11.73
N PRO B 141 5.44 -2.07 -10.93
CA PRO B 141 4.01 -1.74 -11.09
C PRO B 141 3.63 -1.27 -12.51
N ILE B 142 4.44 -0.38 -13.11
CA ILE B 142 4.25 0.08 -14.52
C ILE B 142 4.07 -1.15 -15.42
N ARG B 143 4.94 -2.16 -15.26
CA ARG B 143 4.97 -3.38 -16.10
C ARG B 143 3.74 -4.26 -15.79
N ARG B 144 3.41 -4.47 -14.52
CA ARG B 144 2.28 -5.32 -14.09
C ARG B 144 0.95 -4.69 -14.54
N TYR B 145 0.77 -3.40 -14.30
CA TYR B 145 -0.41 -2.61 -14.76
C TYR B 145 -0.60 -2.78 -16.27
N TYR B 146 0.47 -2.62 -17.04
CA TYR B 146 0.46 -2.71 -18.52
C TYR B 146 -0.12 -4.07 -18.94
N LEU B 147 0.35 -5.17 -18.32
CA LEU B 147 -0.01 -6.57 -18.69
C LEU B 147 -1.47 -6.87 -18.31
N ALA B 148 -2.01 -6.14 -17.34
CA ALA B 148 -3.43 -6.23 -16.88
C ALA B 148 -4.33 -5.32 -17.72
N GLY B 149 -3.76 -4.59 -18.69
CA GLY B 149 -4.49 -3.63 -19.54
C GLY B 149 -4.79 -2.34 -18.78
N GLN B 150 -4.00 -2.04 -17.73
CA GLN B 150 -4.11 -0.82 -16.90
C GLN B 150 -2.84 0.02 -17.10
N GLY B 151 -2.67 1.10 -16.33
CA GLY B 151 -1.48 1.96 -16.42
C GLY B 151 -1.26 2.78 -15.17
N ALA B 152 -0.07 3.41 -15.09
CA ALA B 152 0.30 4.40 -14.05
C ALA B 152 0.13 5.79 -14.64
N PRO B 153 -0.16 6.83 -13.82
CA PRO B 153 -0.23 8.19 -14.32
C PRO B 153 1.18 8.71 -14.62
N ALA B 154 1.27 9.76 -15.45
CA ALA B 154 2.52 10.42 -15.87
C ALA B 154 2.29 11.92 -16.04
N TYR B 155 3.32 12.73 -15.87
CA TYR B 155 3.33 14.17 -16.26
C TYR B 155 4.22 14.34 -17.49
N PHE B 156 3.81 15.21 -18.41
CA PHE B 156 4.59 15.51 -19.64
C PHE B 156 4.73 17.02 -19.81
N ASP B 157 5.79 17.41 -20.52
CA ASP B 157 6.08 18.82 -20.89
C ASP B 157 6.88 18.81 -22.20
N ILE B 158 6.44 19.60 -23.18
CA ILE B 158 7.18 19.83 -24.46
C ILE B 158 8.08 21.05 -24.25
N VAL B 159 9.40 20.83 -24.23
CA VAL B 159 10.43 21.85 -23.90
C VAL B 159 10.85 22.57 -25.18
N ALA B 160 11.06 21.82 -26.25
CA ALA B 160 11.36 22.35 -27.61
C ALA B 160 10.71 21.44 -28.65
N ASP B 161 10.05 22.04 -29.64
CA ASP B 161 9.31 21.34 -30.72
C ASP B 161 9.72 21.94 -32.06
N HIS B 162 10.87 21.53 -32.59
CA HIS B 162 11.37 21.96 -33.91
C HIS B 162 10.46 21.39 -35.01
N THR B 163 10.06 20.13 -34.90
CA THR B 163 9.33 19.37 -35.95
C THR B 163 7.85 19.78 -35.98
N GLY B 164 7.32 20.27 -34.85
CA GLY B 164 5.88 20.53 -34.66
C GLY B 164 5.11 19.26 -34.34
N ARG B 165 5.80 18.13 -34.18
CA ARG B 165 5.18 16.79 -33.95
C ARG B 165 5.61 16.24 -32.57
N ALA B 166 6.27 17.05 -31.74
CA ALA B 166 6.80 16.63 -30.42
C ALA B 166 5.67 16.04 -29.57
N ARG B 167 4.56 16.77 -29.42
CA ARG B 167 3.43 16.42 -28.51
C ARG B 167 2.85 15.05 -28.91
N ASP B 168 2.55 14.86 -30.20
CA ASP B 168 1.93 13.61 -30.73
C ASP B 168 2.84 12.43 -30.41
N ARG B 169 4.14 12.59 -30.60
CA ARG B 169 5.15 11.51 -30.41
C ARG B 169 5.31 11.20 -28.91
N VAL B 170 5.45 12.22 -28.06
CA VAL B 170 5.55 12.05 -26.57
C VAL B 170 4.32 11.27 -26.08
N LEU B 171 3.12 11.70 -26.48
CA LEU B 171 1.84 11.08 -26.02
C LEU B 171 1.67 9.70 -26.68
N ALA B 172 2.27 9.48 -27.86
CA ALA B 172 2.28 8.16 -28.53
C ALA B 172 3.08 7.16 -27.69
N ILE B 173 4.28 7.55 -27.24
CA ILE B 173 5.15 6.75 -26.31
C ILE B 173 4.35 6.44 -25.04
N ALA B 174 3.68 7.45 -24.48
CA ALA B 174 2.86 7.33 -23.24
C ALA B 174 1.76 6.28 -23.44
N ARG B 175 1.11 6.26 -24.60
CA ARG B 175 0.04 5.26 -24.88
C ARG B 175 0.65 3.86 -24.99
N ALA B 176 1.75 3.72 -25.73
CA ALA B 176 2.46 2.42 -25.96
C ALA B 176 2.89 1.79 -24.63
N VAL B 177 3.26 2.63 -23.64
CA VAL B 177 3.81 2.17 -22.32
C VAL B 177 2.66 2.02 -21.30
N GLY B 178 1.49 2.59 -21.58
CA GLY B 178 0.24 2.35 -20.82
C GLY B 178 -0.20 3.54 -19.96
N PHE B 179 0.58 4.63 -19.91
CA PHE B 179 0.31 5.78 -18.98
C PHE B 179 -1.04 6.43 -19.30
N THR B 180 -1.50 6.39 -20.55
CA THR B 180 -2.77 7.04 -20.99
C THR B 180 -3.99 6.23 -20.51
N ARG B 181 -3.81 4.97 -20.10
CA ARG B 181 -4.91 4.13 -19.53
C ARG B 181 -5.31 4.67 -18.16
N ALA B 182 -4.40 5.38 -17.48
CA ALA B 182 -4.63 6.10 -16.21
C ALA B 182 -4.92 7.58 -16.50
N GLY B 183 -3.98 8.26 -17.15
CA GLY B 183 -4.02 9.71 -17.41
C GLY B 183 -2.64 10.31 -17.47
N VAL B 184 -2.38 11.16 -18.47
CA VAL B 184 -1.09 11.87 -18.68
C VAL B 184 -1.37 13.37 -18.67
N MET B 185 -0.91 14.07 -17.63
CA MET B 185 -1.23 15.48 -17.37
C MET B 185 -0.04 16.36 -17.76
N ALA B 186 -0.30 17.47 -18.45
CA ALA B 186 0.67 18.53 -18.76
C ALA B 186 1.10 19.21 -17.44
N LEU B 187 2.39 19.18 -17.14
CA LEU B 187 2.99 19.84 -15.96
C LEU B 187 4.42 20.25 -16.32
N GLY B 188 4.85 21.46 -15.91
CA GLY B 188 6.18 22.02 -16.21
C GLY B 188 7.29 21.21 -15.57
N TYR B 189 8.39 21.00 -16.28
CA TYR B 189 9.53 20.14 -15.87
C TYR B 189 10.09 20.66 -14.53
N ARG B 190 10.12 21.98 -14.33
CA ARG B 190 10.62 22.63 -13.10
C ARG B 190 9.74 22.21 -11.92
N GLN B 191 8.41 22.29 -12.04
CA GLN B 191 7.46 21.91 -10.96
C GLN B 191 7.54 20.39 -10.70
N GLU B 192 7.66 19.56 -11.74
CA GLU B 192 7.78 18.08 -11.61
C GLU B 192 9.04 17.75 -10.79
N THR B 193 10.16 18.41 -11.09
CA THR B 193 11.45 18.25 -10.36
C THR B 193 11.21 18.41 -8.85
N PHE B 194 10.65 19.55 -8.43
CA PHE B 194 10.52 19.95 -7.00
C PHE B 194 9.51 19.05 -6.28
N LEU B 195 8.42 18.73 -6.98
CA LEU B 195 7.31 17.86 -6.52
C LEU B 195 7.84 16.44 -6.27
N ASP B 196 8.52 15.88 -7.27
CA ASP B 196 9.09 14.51 -7.26
C ASP B 196 10.11 14.38 -6.12
N LEU B 197 11.03 15.34 -6.00
CA LEU B 197 12.09 15.35 -4.96
C LEU B 197 11.46 15.46 -3.57
N PHE B 198 10.36 16.22 -3.45
CA PHE B 198 9.64 16.48 -2.17
C PHE B 198 9.05 15.17 -1.63
N GLN B 199 8.39 14.39 -2.48
CA GLN B 199 7.86 13.05 -2.17
C GLN B 199 8.99 12.17 -1.61
N GLU B 200 10.17 12.23 -2.24
CA GLU B 200 11.35 11.38 -1.93
C GLU B 200 12.07 11.86 -0.66
N GLN B 201 12.05 13.18 -0.38
CA GLN B 201 12.90 13.81 0.67
C GLN B 201 12.07 14.13 1.92
N PHE B 202 10.77 14.45 1.80
CA PHE B 202 9.88 14.65 2.96
C PHE B 202 8.98 13.43 3.18
N LEU B 203 8.11 13.10 2.22
CA LEU B 203 6.97 12.17 2.50
C LEU B 203 7.47 10.75 2.78
N ALA B 204 8.23 10.13 1.86
CA ALA B 204 8.61 8.71 1.95
C ALA B 204 9.40 8.48 3.24
N PRO B 205 10.44 9.29 3.57
CA PRO B 205 11.13 9.17 4.86
C PRO B 205 10.20 9.30 6.07
N ALA B 206 9.29 10.28 6.04
CA ALA B 206 8.32 10.57 7.14
C ALA B 206 7.42 9.35 7.36
N LEU B 207 6.89 8.75 6.29
CA LEU B 207 6.00 7.56 6.35
C LEU B 207 6.75 6.41 7.04
N VAL B 208 7.99 6.14 6.63
CA VAL B 208 8.82 5.03 7.18
C VAL B 208 9.27 5.38 8.61
N ASP B 209 9.67 6.63 8.86
CA ASP B 209 10.01 7.13 10.21
C ASP B 209 8.82 6.91 11.16
N LEU B 210 7.59 7.09 10.67
CA LEU B 210 6.35 6.98 11.47
C LEU B 210 6.09 5.51 11.79
N VAL B 211 6.13 4.64 10.79
CA VAL B 211 6.05 3.16 10.96
C VAL B 211 7.11 2.74 11.98
N GLU B 212 8.33 3.27 11.86
CA GLU B 212 9.47 2.96 12.76
C GLU B 212 9.16 3.40 14.19
N THR B 213 8.60 4.60 14.37
CA THR B 213 8.20 5.17 15.70
C THR B 213 7.17 4.24 16.35
N GLY B 214 6.19 3.76 15.58
CA GLY B 214 5.15 2.81 16.04
C GLY B 214 5.78 1.55 16.60
N PHE B 215 6.66 0.92 15.82
CA PHE B 215 7.38 -0.33 16.18
C PHE B 215 8.18 -0.09 17.47
N GLN B 216 8.93 1.01 17.52
CA GLN B 216 9.91 1.30 18.60
C GLN B 216 9.16 1.49 19.93
N VAL B 217 8.10 2.31 19.93
CA VAL B 217 7.30 2.62 21.17
C VAL B 217 6.71 1.32 21.72
N LEU B 218 6.16 0.46 20.86
CA LEU B 218 5.55 -0.84 21.24
C LEU B 218 6.61 -1.76 21.88
N VAL B 219 7.75 -1.95 21.21
CA VAL B 219 8.84 -2.87 21.68
C VAL B 219 9.41 -2.34 23.00
N GLU B 220 9.57 -1.02 23.13
CA GLU B 220 10.18 -0.38 24.34
C GLU B 220 9.22 -0.49 25.53
N ARG B 221 7.92 -0.74 25.27
CA ARG B 221 6.89 -0.95 26.32
C ARG B 221 6.60 -2.44 26.51
N GLY B 222 7.37 -3.31 25.85
CA GLY B 222 7.43 -4.76 26.11
C GLY B 222 6.43 -5.55 25.29
N PHE B 223 5.94 -5.00 24.18
CA PHE B 223 5.07 -5.72 23.22
C PHE B 223 5.91 -6.71 22.41
N ASN B 224 5.32 -7.87 22.08
CA ASN B 224 5.94 -8.90 21.19
C ASN B 224 6.48 -8.22 19.94
N PRO B 225 7.80 -8.27 19.68
CA PRO B 225 8.40 -7.57 18.53
C PRO B 225 7.87 -7.98 17.15
N LYS B 226 7.57 -9.26 16.95
CA LYS B 226 7.03 -9.79 15.66
C LYS B 226 5.63 -9.19 15.42
N ALA B 227 4.79 -9.17 16.45
CA ALA B 227 3.41 -8.64 16.43
C ALA B 227 3.43 -7.14 16.12
N ALA B 228 4.32 -6.38 16.79
CA ALA B 228 4.49 -4.93 16.60
C ALA B 228 4.87 -4.65 15.14
N LEU B 229 5.84 -5.41 14.62
CA LEU B 229 6.33 -5.28 13.21
C LEU B 229 5.14 -5.48 12.27
N LEU B 230 4.35 -6.53 12.49
CA LEU B 230 3.21 -6.93 11.61
C LEU B 230 2.15 -5.81 11.57
N GLU B 231 1.80 -5.23 12.71
CA GLU B 231 0.70 -4.23 12.80
C GLU B 231 1.12 -2.93 12.12
N VAL B 232 2.38 -2.50 12.29
CA VAL B 232 2.84 -1.18 11.79
C VAL B 232 3.06 -1.22 10.27
N TYR B 233 3.30 -2.39 9.67
CA TYR B 233 3.32 -2.56 8.17
C TYR B 233 3.41 -4.04 7.74
N GLY B 234 4.09 -4.89 8.51
CA GLY B 234 4.52 -6.25 8.10
C GLY B 234 3.39 -7.14 7.63
N SER B 235 2.18 -6.97 8.19
CA SER B 235 0.95 -7.72 7.86
C SER B 235 0.48 -7.41 6.43
N GLY B 236 0.89 -6.26 5.90
CA GLY B 236 0.41 -5.71 4.61
C GLY B 236 -0.81 -4.81 4.78
N GLU B 237 -1.37 -4.73 5.99
CA GLU B 237 -2.68 -4.06 6.25
C GLU B 237 -2.55 -2.55 6.00
N MET B 238 -1.53 -1.90 6.58
CA MET B 238 -1.32 -0.43 6.44
C MET B 238 -0.98 -0.12 4.97
N GLY B 239 -0.23 -1.01 4.31
CA GLY B 239 0.05 -0.93 2.86
C GLY B 239 -1.22 -1.02 2.03
N LYS B 240 -2.12 -1.95 2.39
CA LYS B 240 -3.43 -2.15 1.70
C LYS B 240 -4.32 -0.93 1.90
N MET B 241 -4.30 -0.34 3.10
CA MET B 241 -5.10 0.86 3.46
C MET B 241 -4.70 2.02 2.54
N MET B 242 -3.40 2.19 2.30
CA MET B 242 -2.83 3.31 1.51
C MET B 242 -3.11 3.06 0.03
N LEU B 243 -2.92 1.83 -0.46
CA LEU B 243 -3.15 1.48 -1.89
C LEU B 243 -4.64 1.53 -2.21
N ASP B 244 -5.50 0.89 -1.39
CA ASP B 244 -6.98 0.98 -1.53
C ASP B 244 -7.42 2.44 -1.42
N GLY B 245 -6.79 3.21 -0.53
CA GLY B 245 -7.07 4.64 -0.30
C GLY B 245 -6.77 5.48 -1.54
N ALA B 246 -5.76 5.10 -2.34
CA ALA B 246 -5.44 5.73 -3.64
C ALA B 246 -6.68 5.67 -4.54
N ASP B 247 -7.43 4.57 -4.48
CA ASP B 247 -8.65 4.37 -5.30
C ASP B 247 -9.79 5.24 -4.76
N ILE B 248 -10.27 4.95 -3.53
CA ILE B 248 -11.58 5.45 -3.01
C ILE B 248 -11.36 6.58 -1.99
N GLY B 249 -10.13 6.82 -1.52
CA GLY B 249 -9.79 7.83 -0.50
C GLY B 249 -9.39 7.20 0.83
N LEU B 250 -8.53 7.86 1.61
CA LEU B 250 -7.95 7.29 2.86
C LEU B 250 -9.01 7.23 3.98
N ASP B 251 -9.72 8.34 4.24
CA ASP B 251 -10.79 8.41 5.27
C ASP B 251 -11.94 7.47 4.87
N GLU B 252 -12.20 7.34 3.57
CA GLU B 252 -13.27 6.47 2.98
C GLU B 252 -12.92 4.99 3.20
N VAL B 253 -11.64 4.60 3.11
CA VAL B 253 -11.20 3.19 3.33
C VAL B 253 -11.59 2.77 4.74
N VAL B 254 -11.35 3.65 5.73
CA VAL B 254 -11.62 3.40 7.17
C VAL B 254 -13.14 3.35 7.40
N ALA B 255 -13.92 4.15 6.67
CA ALA B 255 -15.40 4.18 6.76
C ALA B 255 -15.99 2.88 6.18
N LEU B 256 -15.39 2.32 5.12
CA LEU B 256 -15.93 1.13 4.42
C LEU B 256 -15.47 -0.17 5.10
N GLN B 257 -14.21 -0.24 5.56
CA GLN B 257 -13.52 -1.52 5.93
C GLN B 257 -13.32 -1.64 7.45
N GLY B 258 -13.32 -0.53 8.18
CA GLY B 258 -13.04 -0.50 9.63
C GLY B 258 -14.27 -0.83 10.46
N SER B 259 -14.11 -1.66 11.50
CA SER B 259 -15.13 -1.92 12.55
C SER B 259 -15.53 -0.59 13.18
N PRO B 260 -16.73 -0.47 13.81
CA PRO B 260 -17.08 0.75 14.55
C PRO B 260 -16.03 1.14 15.60
N THR B 261 -15.40 0.16 16.25
CA THR B 261 -14.31 0.35 17.25
C THR B 261 -13.15 1.09 16.59
N CYS B 262 -12.67 0.58 15.45
CA CYS B 262 -11.58 1.16 14.61
C CYS B 262 -11.96 2.59 14.22
N GLN B 263 -13.18 2.81 13.70
CA GLN B 263 -13.65 4.11 13.17
C GLN B 263 -13.67 5.16 14.29
N VAL B 264 -14.19 4.82 15.48
CA VAL B 264 -14.28 5.75 16.64
C VAL B 264 -12.87 6.13 17.09
N GLY B 265 -11.95 5.15 17.13
CA GLY B 265 -10.55 5.36 17.52
C GLY B 265 -9.79 6.22 16.51
N TYR B 266 -9.91 5.88 15.22
CA TYR B 266 -9.29 6.62 14.09
C TYR B 266 -9.68 8.10 14.15
N HIS B 267 -10.98 8.38 14.26
CA HIS B 267 -11.55 9.76 14.23
C HIS B 267 -11.28 10.50 15.54
N ARG B 268 -10.89 9.79 16.62
CA ARG B 268 -10.55 10.47 17.90
C ARG B 268 -9.25 11.27 17.72
N TRP B 269 -8.30 10.79 16.91
CA TRP B 269 -6.95 11.37 16.78
C TRP B 269 -6.68 11.92 15.36
N ARG B 270 -7.47 11.52 14.36
CA ARG B 270 -7.30 12.01 12.96
C ARG B 270 -7.26 13.55 12.98
N GLY B 271 -6.19 14.14 12.42
CA GLY B 271 -6.00 15.60 12.31
C GLY B 271 -5.37 16.22 13.55
N ARG B 272 -4.96 15.41 14.54
CA ARG B 272 -4.41 15.90 15.84
C ARG B 272 -3.11 15.17 16.21
N THR B 273 -2.54 14.33 15.33
CA THR B 273 -1.38 13.46 15.66
C THR B 273 -0.05 14.22 15.51
N LEU B 274 0.04 15.18 14.58
CA LEU B 274 1.33 15.81 14.22
C LEU B 274 1.46 17.17 14.88
N PRO B 275 2.64 17.50 15.45
CA PRO B 275 2.93 18.87 15.89
C PRO B 275 3.29 19.71 14.65
N THR B 276 3.24 21.03 14.78
CA THR B 276 3.44 22.01 13.68
C THR B 276 4.85 21.85 13.10
N ALA B 277 5.80 21.33 13.89
CA ALA B 277 7.22 21.08 13.50
C ALA B 277 7.31 20.23 12.22
N VAL B 278 6.34 19.35 11.96
CA VAL B 278 6.37 18.46 10.76
C VAL B 278 5.96 19.28 9.52
N ARG B 279 4.97 20.18 9.65
CA ARG B 279 4.61 21.18 8.61
C ARG B 279 5.87 21.97 8.22
N GLU B 280 6.55 22.55 9.23
CA GLU B 280 7.73 23.43 9.06
C GLU B 280 8.89 22.65 8.42
N LEU B 281 9.04 21.36 8.74
CA LEU B 281 10.09 20.50 8.12
C LEU B 281 9.82 20.36 6.62
N ALA B 282 8.57 20.12 6.21
CA ALA B 282 8.18 19.97 4.79
C ALA B 282 8.55 21.27 4.04
N ALA B 283 8.31 22.42 4.67
CA ALA B 283 8.64 23.77 4.16
C ALA B 283 10.16 23.90 3.99
N ARG B 284 10.91 23.47 5.01
CA ARG B 284 12.41 23.44 5.03
C ARG B 284 12.93 22.62 3.86
N VAL B 285 12.35 21.45 3.63
CA VAL B 285 12.77 20.49 2.55
C VAL B 285 12.51 21.14 1.19
N LEU B 286 11.35 21.77 0.99
CA LEU B 286 10.98 22.48 -0.26
C LEU B 286 12.01 23.59 -0.55
N ASP B 287 12.46 24.31 0.47
CA ASP B 287 13.47 25.40 0.38
C ASP B 287 14.79 24.82 -0.11
N GLN B 288 15.26 23.72 0.49
CA GLN B 288 16.54 23.05 0.10
C GLN B 288 16.43 22.61 -1.37
N ILE B 289 15.27 22.06 -1.76
CA ILE B 289 15.00 21.54 -3.12
C ILE B 289 14.98 22.72 -4.12
N GLU B 290 14.23 23.78 -3.81
CA GLU B 290 13.95 24.91 -4.75
C GLU B 290 15.19 25.80 -4.91
N GLY B 291 15.95 26.03 -3.83
CA GLY B 291 17.08 26.99 -3.82
C GLY B 291 18.40 26.38 -4.26
N GLY B 292 18.41 25.10 -4.64
CA GLY B 292 19.58 24.41 -5.23
C GLY B 292 20.46 23.71 -4.20
N ASP B 293 20.09 23.71 -2.92
CA ASP B 293 20.90 23.08 -1.83
C ASP B 293 20.94 21.56 -2.04
N PHE B 294 19.81 20.92 -2.32
CA PHE B 294 19.75 19.47 -2.58
C PHE B 294 20.63 19.10 -3.79
N SER B 295 20.53 19.88 -4.88
CA SER B 295 21.29 19.67 -6.14
C SER B 295 22.80 19.64 -5.85
N ALA B 296 23.28 20.58 -5.02
CA ALA B 296 24.68 20.65 -4.54
C ALA B 296 25.02 19.37 -3.77
N TYR B 297 24.13 18.95 -2.86
CA TYR B 297 24.26 17.74 -2.00
C TYR B 297 24.33 16.49 -2.90
N LEU B 298 23.41 16.35 -3.85
CA LEU B 298 23.35 15.19 -4.80
C LEU B 298 24.67 15.09 -5.57
N LYS B 299 25.25 16.23 -5.95
CA LYS B 299 26.47 16.30 -6.81
C LYS B 299 27.69 15.83 -6.01
N GLU B 300 27.81 16.28 -4.75
CA GLU B 300 28.84 15.82 -3.77
C GLU B 300 28.69 14.31 -3.55
N GLN B 301 27.44 13.82 -3.47
CA GLN B 301 27.09 12.39 -3.26
C GLN B 301 27.44 11.57 -4.52
N ALA B 302 27.13 12.10 -5.70
CA ALA B 302 27.35 11.45 -7.02
C ALA B 302 28.84 11.31 -7.30
N SER B 303 29.63 12.36 -6.99
CA SER B 303 31.09 12.46 -7.27
C SER B 303 31.85 11.29 -6.63
N ASN B 304 31.35 10.75 -5.52
CA ASN B 304 31.99 9.65 -4.74
C ASN B 304 31.65 8.28 -5.33
N ASP B 305 30.93 8.23 -6.46
CA ASP B 305 30.36 7.00 -7.08
C ASP B 305 29.27 6.43 -6.16
N TYR B 306 28.58 7.33 -5.44
CA TYR B 306 27.48 7.01 -4.50
C TYR B 306 28.03 6.12 -3.37
N ALA B 307 29.23 6.42 -2.87
CA ALA B 307 29.90 5.71 -1.76
C ALA B 307 29.09 5.88 -0.47
N SER B 308 28.70 7.12 -0.14
CA SER B 308 27.89 7.46 1.06
C SER B 308 26.56 6.71 1.03
N LEU B 309 25.93 6.64 -0.15
CA LEU B 309 24.64 5.94 -0.36
C LEU B 309 24.79 4.45 -0.02
N ASP B 310 25.88 3.81 -0.50
CA ASP B 310 26.22 2.39 -0.21
C ASP B 310 26.27 2.17 1.31
N ASP B 311 27.00 3.03 2.03
CA ASP B 311 27.16 2.98 3.51
C ASP B 311 25.79 3.09 4.21
N ALA B 312 25.00 4.10 3.87
CA ALA B 312 23.67 4.36 4.50
C ALA B 312 22.74 3.17 4.22
N ARG B 313 22.77 2.63 3.00
CA ARG B 313 21.95 1.45 2.60
C ARG B 313 22.29 0.27 3.51
N ARG B 314 23.59 0.04 3.75
CA ARG B 314 24.09 -1.09 4.60
C ARG B 314 23.79 -0.80 6.08
N ALA B 315 23.96 0.45 6.54
CA ALA B 315 23.63 0.91 7.91
C ALA B 315 22.14 0.66 8.22
N ALA B 316 21.24 0.95 7.27
CA ALA B 316 19.76 0.88 7.44
C ALA B 316 19.33 -0.58 7.68
N LEU B 317 19.99 -1.55 7.04
CA LEU B 317 19.68 -3.00 7.20
C LEU B 317 19.89 -3.43 8.66
N LYS B 318 20.64 -2.68 9.45
CA LYS B 318 20.99 -3.05 10.86
C LYS B 318 20.07 -2.34 11.88
N ARG B 319 19.16 -1.46 11.45
CA ARG B 319 18.22 -0.78 12.37
C ARG B 319 17.26 -1.84 12.93
N PRO B 320 16.87 -1.78 14.23
CA PRO B 320 15.93 -2.75 14.79
C PRO B 320 14.72 -3.10 13.90
N LEU B 321 14.11 -2.12 13.23
CA LEU B 321 12.95 -2.32 12.32
C LEU B 321 13.27 -3.42 11.30
N ASN B 322 14.44 -3.35 10.68
CA ASN B 322 14.85 -4.22 9.54
C ASN B 322 15.39 -5.55 10.08
N VAL B 323 15.93 -5.58 11.30
CA VAL B 323 16.28 -6.84 12.03
C VAL B 323 14.98 -7.59 12.34
N ALA B 324 13.97 -6.90 12.88
CA ALA B 324 12.63 -7.48 13.17
C ALA B 324 11.95 -7.90 11.86
N HIS B 325 12.17 -7.19 10.76
CA HIS B 325 11.58 -7.51 9.43
C HIS B 325 11.99 -8.93 8.98
N ALA B 326 13.30 -9.23 8.98
CA ALA B 326 13.83 -10.54 8.54
C ALA B 326 13.32 -11.64 9.48
N GLN B 327 13.23 -11.35 10.79
CA GLN B 327 12.71 -12.31 11.80
C GLN B 327 11.25 -12.65 11.43
N VAL B 328 10.44 -11.64 11.12
CA VAL B 328 8.98 -11.81 10.79
C VAL B 328 8.85 -12.58 9.47
N ARG B 329 9.68 -12.25 8.47
CA ARG B 329 9.55 -12.78 7.09
C ARG B 329 10.03 -14.24 7.02
N ALA B 330 10.93 -14.64 7.92
CA ALA B 330 11.40 -16.04 8.08
C ALA B 330 10.29 -16.91 8.68
N ALA B 331 9.31 -16.30 9.37
CA ALA B 331 8.31 -16.98 10.24
C ALA B 331 6.90 -16.93 9.62
N PHE B 332 6.54 -15.85 8.93
CA PHE B 332 5.21 -15.65 8.30
C PHE B 332 5.36 -15.57 6.78
N ARG B 333 4.53 -16.30 6.05
CA ARG B 333 4.48 -16.27 4.57
C ARG B 333 3.64 -15.06 4.15
N PHE B 334 4.18 -14.23 3.24
CA PHE B 334 3.51 -13.03 2.70
C PHE B 334 3.13 -13.32 1.24
N PRO B 335 1.86 -13.12 0.86
CA PRO B 335 1.42 -13.43 -0.51
C PRO B 335 1.96 -12.41 -1.54
N THR B 336 2.69 -12.91 -2.55
CA THR B 336 3.28 -12.11 -3.66
C THR B 336 3.18 -12.90 -4.98
N GLU B 337 2.89 -12.21 -6.09
CA GLU B 337 2.94 -12.78 -7.47
C GLU B 337 4.39 -13.08 -7.85
N ALA B 338 4.58 -14.08 -8.71
CA ALA B 338 5.90 -14.47 -9.27
C ALA B 338 6.37 -13.40 -10.27
N ALA B 339 7.26 -12.49 -9.83
CA ALA B 339 7.86 -11.40 -10.63
C ALA B 339 8.85 -11.95 -11.66
N GLY B 340 9.04 -13.27 -11.69
CA GLY B 340 10.10 -13.95 -12.48
C GLY B 340 9.91 -13.81 -13.98
N GLY B 341 8.65 -13.89 -14.44
CA GLY B 341 8.32 -13.83 -15.87
C GLY B 341 7.90 -12.44 -16.32
N LEU B 342 7.98 -11.46 -15.43
CA LEU B 342 7.25 -10.16 -15.54
C LEU B 342 7.62 -9.42 -16.84
N TYR B 343 8.90 -9.43 -17.25
CA TYR B 343 9.43 -8.64 -18.39
C TYR B 343 9.59 -9.54 -19.64
N GLN B 344 9.15 -10.79 -19.57
CA GLN B 344 9.07 -11.69 -20.75
C GLN B 344 8.12 -11.09 -21.79
N ALA B 345 8.33 -11.39 -23.06
CA ALA B 345 7.51 -10.94 -24.21
C ALA B 345 6.04 -11.33 -23.97
N ALA B 346 5.11 -10.41 -24.22
CA ALA B 346 3.64 -10.62 -24.08
C ALA B 346 2.94 -10.09 -25.33
N GLN B 347 1.60 -10.16 -25.36
CA GLN B 347 0.74 -9.65 -26.46
C GLN B 347 0.43 -8.17 -26.22
PA NAI C . -19.16 -4.61 11.12
O1A NAI C . -19.23 -3.16 11.44
O2A NAI C . -18.98 -5.02 9.69
O5B NAI C . -20.43 -5.36 11.73
C5B NAI C . -21.60 -5.52 10.91
C4B NAI C . -22.38 -6.72 11.40
O4B NAI C . -22.66 -6.56 12.81
C3B NAI C . -23.74 -6.96 10.74
O3B NAI C . -23.94 -8.35 10.47
C2B NAI C . -24.74 -6.43 11.76
O2B NAI C . -26.00 -7.06 11.66
C1B NAI C . -24.03 -6.78 13.07
N9A NAI C . -24.42 -5.97 14.20
C8A NAI C . -24.10 -4.65 14.43
N7A NAI C . -24.59 -4.18 15.54
C5A NAI C . -25.27 -5.25 16.10
C6A NAI C . -26.01 -5.38 17.28
N6A NAI C . -26.19 -4.40 18.17
N1A NAI C . -26.57 -6.59 17.54
C2A NAI C . -26.40 -7.58 16.65
N3A NAI C . -25.72 -7.56 15.50
C4A NAI C . -25.17 -6.36 15.28
O3 NAI C . -17.98 -5.26 11.99
PN NAI C . -16.56 -5.87 11.59
O1N NAI C . -15.66 -4.76 11.16
O2N NAI C . -16.76 -7.02 10.66
O5D NAI C . -16.07 -6.41 13.02
C5D NAI C . -16.45 -7.74 13.46
C4D NAI C . -15.55 -8.16 14.59
O4D NAI C . -14.25 -8.48 14.03
C3D NAI C . -15.29 -7.09 15.65
O3D NAI C . -15.17 -7.65 16.95
C2D NAI C . -13.98 -6.47 15.18
O2D NAI C . -13.25 -5.84 16.21
C1D NAI C . -13.25 -7.69 14.64
N1N NAI C . -12.22 -7.35 13.60
C2N NAI C . -12.57 -6.72 12.44
C3N NAI C . -11.66 -6.47 11.44
C7N NAI C . -12.06 -5.57 10.34
O7N NAI C . -11.67 -5.80 9.20
N7N NAI C . -12.85 -4.54 10.63
C4N NAI C . -10.33 -7.12 11.52
C5N NAI C . -10.06 -7.78 12.82
C6N NAI C . -10.90 -7.66 13.82
MG MG D . -6.79 -4.93 13.29
MG MG E . -9.68 -3.55 15.51
C4 7I3 F . 11.18 8.33 -8.70
C6 7I3 F . 10.03 7.37 -8.16
C8 7I3 F . 10.32 6.03 -7.43
C10 7I3 F . 9.81 4.99 -5.06
O3 7I3 F . 13.03 6.97 -8.00
C2 7I3 F . 12.68 7.98 -8.56
O1 7I3 F . 13.53 8.75 -8.96
O5 7I3 F . 10.92 9.54 -9.28
O7 7I3 F . 8.75 7.69 -8.34
C9 7I3 F . 10.11 6.25 -5.91
C11 7I3 F . 10.99 4.02 -5.02
C12 7I3 F . 9.44 5.36 -3.64
NA NA G . 18.79 -2.76 1.21
C4 7I3 H . -9.55 -3.96 12.74
C6 7I3 H . -8.71 -4.01 11.44
C8 7I3 H . -9.14 -3.28 10.15
C10 7I3 H . -8.20 -1.22 8.73
O3 7I3 H . -11.42 -2.71 11.86
C2 7I3 H . -10.92 -3.26 12.80
O1 7I3 H . -11.52 -3.26 13.84
O5 7I3 H . -9.13 -4.53 13.87
O7 7I3 H . -7.54 -4.62 11.44
C9 7I3 H . -8.37 -1.95 10.11
C11 7I3 H . -9.53 -0.86 8.06
C12 7I3 H . -7.41 0.07 8.89
PA NAI I . 18.70 3.05 -12.43
O1A NAI I . 19.56 3.24 -11.22
O2A NAI I . 17.82 1.86 -12.50
O5B NAI I . 19.61 3.13 -13.75
C5B NAI I . 20.29 1.94 -14.22
C4B NAI I . 20.66 2.13 -15.67
O4B NAI I . 21.46 3.33 -15.81
C3B NAI I . 21.49 1.00 -16.30
O3B NAI I . 21.08 0.75 -17.64
C2B NAI I . 22.91 1.57 -16.25
O2B NAI I . 23.76 1.00 -17.22
C1B NAI I . 22.64 3.04 -16.52
N9A NAI I . 23.70 3.93 -16.06
C8A NAI I . 24.02 4.22 -14.76
N7A NAI I . 25.01 5.06 -14.65
C5A NAI I . 25.35 5.36 -15.96
C6A NAI I . 26.33 6.22 -16.50
N6A NAI I . 27.18 6.94 -15.77
N1A NAI I . 26.41 6.29 -17.85
C2A NAI I . 25.57 5.56 -18.58
N3A NAI I . 24.60 4.73 -18.18
C4A NAI I . 24.55 4.67 -16.83
O3 NAI I . 17.81 4.37 -12.63
PN NAI I . 16.23 4.60 -12.82
O1N NAI I . 15.59 4.47 -11.48
O2N NAI I . 15.76 3.73 -13.93
O5D NAI I . 16.21 6.13 -13.28
C5D NAI I . 16.15 6.44 -14.69
C4D NAI I . 15.52 7.80 -14.90
O4D NAI I . 14.09 7.69 -14.64
C3D NAI I . 16.03 8.92 -13.98
O3D NAI I . 16.11 10.15 -14.67
C2D NAI I . 14.97 8.95 -12.88
O2D NAI I . 14.89 10.22 -12.25
C1D NAI I . 13.70 8.64 -13.67
N1N NAI I . 12.61 8.05 -12.85
C2N NAI I . 12.81 6.91 -12.12
C3N NAI I . 11.77 6.23 -11.54
C7N NAI I . 12.07 5.10 -10.65
O7N NAI I . 11.21 4.23 -10.46
N7N NAI I . 13.26 5.04 -10.07
C4N NAI I . 10.37 6.68 -11.85
C5N NAI I . 10.30 7.95 -12.59
C6N NAI I . 11.38 8.66 -12.80
MG MG J . 8.78 10.06 -8.81
MG MG K . 12.41 10.68 -8.77
#